data_5GVC
#
_entry.id   5GVC
#
_cell.length_a   176.088
_cell.length_b   93.665
_cell.length_c   91.608
_cell.angle_alpha   90.00
_cell.angle_beta   91.88
_cell.angle_gamma   90.00
#
_symmetry.space_group_name_H-M   'C 1 2 1'
#
loop_
_entity.id
_entity.type
_entity.pdbx_description
1 polymer 'DNA topoisomerase 3-beta-1'
2 non-polymer 'MAGNESIUM ION'
3 water water
#
_entity_poly.entity_id   1
_entity_poly.type   'polypeptide(L)'
_entity_poly.pdbx_seq_one_letter_code
;PGHMKTVLMVAEKPSLAQSIAKILSRGSLSSHKGLNGACSVHEYTGTFAGQPVRFKMTSVCGHVMTLDFLGKYNKWDKVD
PAELFSQAPTEKKEANPKLNMVKFLQVEGRGCDYIVLWLDCDKEGENICFEVLDAVLPVMNKAHGGEKTVFRARFSSITD
TDICNAMACLGEPDHNEALSVDARQELDLRIGCAFTRFQTKYFQGKYGDLDSSLISFGPCQTPTLGFCVERHDKIQSFKP
ETYWVLQAKVNTDKDRSLLLDWDRVRVFDREIAQMFLNMTKLEKEAQVEATSRKEKAKQRPLALNTVEMLRVASSSLGMG
PQHAMQTAERLYTQGYISYPRTETTHYPENFDLKGSLRQQANHPYWADTVKRLLAEGINRPRKGHDAGDHPPITPMKSAT
EAELGGDAWRLYEYITRHFIATVSHDCKYLQSTISFRIGPELFTCSGKTVLSPGFTEVMPWQSVPLEESLPTCQRGDAFP
VGEVKMLEKQTNPPDYLTEAELITLMEKHGIGTDASIPVHINNICQRNYVTVESGRRLKPTNLGIVLVHGYYKIDAELVL
PTIRSAVEKQLNLIAQGKADYRQVLGHTLDVFKRKFHYFVDSIAGMDELMEVSFS
;
_entity_poly.pdbx_strand_id   A,B
#
# COMPACT_ATOMS: atom_id res chain seq x y z
N PRO A 1 -65.03 20.83 -30.31
CA PRO A 1 -64.34 20.75 -29.03
C PRO A 1 -64.94 21.69 -27.97
N GLY A 2 -64.40 21.64 -26.76
CA GLY A 2 -64.82 22.54 -25.72
C GLY A 2 -63.86 23.71 -25.59
N HIS A 3 -63.60 24.13 -24.35
CA HIS A 3 -62.71 25.26 -24.11
C HIS A 3 -61.25 24.88 -24.40
N MET A 4 -60.49 25.85 -24.90
CA MET A 4 -59.05 25.68 -25.08
C MET A 4 -58.39 25.41 -23.73
N LYS A 5 -57.61 24.33 -23.67
CA LYS A 5 -56.99 23.91 -22.42
C LYS A 5 -55.82 24.82 -22.06
N THR A 6 -55.59 24.98 -20.75
CA THR A 6 -54.47 25.75 -20.27
C THR A 6 -53.49 24.81 -19.58
N VAL A 7 -52.23 24.86 -20.00
CA VAL A 7 -51.21 23.99 -19.43
C VAL A 7 -50.28 24.76 -18.51
N LEU A 8 -50.36 24.48 -17.22
CA LEU A 8 -49.46 25.08 -16.24
C LEU A 8 -48.14 24.34 -16.25
N MET A 9 -47.04 25.08 -16.35
CA MET A 9 -45.72 24.46 -16.32
C MET A 9 -44.85 25.14 -15.25
N VAL A 10 -44.22 24.32 -14.40
CA VAL A 10 -43.52 24.81 -13.23
C VAL A 10 -42.06 24.42 -13.19
N ALA A 11 -41.17 25.41 -13.15
CA ALA A 11 -39.73 25.17 -13.02
C ALA A 11 -39.31 25.38 -11.57
N GLU A 12 -38.05 25.11 -11.27
CA GLU A 12 -37.57 25.16 -9.89
C GLU A 12 -37.24 26.58 -9.44
N LYS A 13 -36.84 27.43 -10.38
CA LYS A 13 -36.45 28.81 -10.07
C LYS A 13 -36.94 29.77 -11.15
N PRO A 14 -37.17 31.04 -10.77
CA PRO A 14 -37.69 32.07 -11.69
C PRO A 14 -36.93 32.20 -13.00
N SER A 15 -35.60 32.22 -12.92
CA SER A 15 -34.76 32.33 -14.11
C SER A 15 -34.92 31.13 -15.04
N LEU A 16 -35.03 29.94 -14.43
CA LEU A 16 -35.24 28.72 -15.19
C LEU A 16 -36.56 28.75 -15.94
N ALA A 17 -37.62 29.17 -15.24
CA ALA A 17 -38.95 29.27 -15.84
C ALA A 17 -38.95 30.21 -17.04
N GLN A 18 -38.30 31.36 -16.89
CA GLN A 18 -38.25 32.37 -17.94
C GLN A 18 -37.49 31.84 -19.15
N SER A 19 -36.33 31.22 -18.90
CA SER A 19 -35.49 30.72 -19.97
C SER A 19 -36.15 29.59 -20.74
N ILE A 20 -36.75 28.64 -20.01
CA ILE A 20 -37.42 27.51 -20.64
C ILE A 20 -38.60 27.99 -21.48
N ALA A 21 -39.37 28.93 -20.94
CA ALA A 21 -40.52 29.47 -21.64
C ALA A 21 -40.11 30.26 -22.89
N LYS A 22 -39.01 31.00 -22.78
CA LYS A 22 -38.50 31.76 -23.92
C LYS A 22 -38.10 30.84 -25.06
N ILE A 23 -37.51 29.69 -24.70
CA ILE A 23 -37.11 28.68 -25.67
C ILE A 23 -38.34 28.07 -26.35
N LEU A 24 -39.30 27.62 -25.55
CA LEU A 24 -40.47 26.92 -26.05
C LEU A 24 -41.41 27.83 -26.83
N SER A 25 -41.51 29.09 -26.41
CA SER A 25 -42.38 30.05 -27.08
C SER A 25 -41.71 30.67 -28.30
N ARG A 26 -40.45 30.30 -28.53
CA ARG A 26 -39.63 30.90 -29.58
C ARG A 26 -39.61 32.43 -29.48
N GLY A 27 -39.67 32.94 -28.25
CA GLY A 27 -39.58 34.36 -28.01
C GLY A 27 -40.92 35.09 -28.02
N SER A 28 -42.00 34.36 -28.24
CA SER A 28 -43.34 34.96 -28.25
C SER A 28 -43.88 35.05 -26.84
N LEU A 29 -42.96 35.21 -25.90
CA LEU A 29 -43.26 35.15 -24.48
C LEU A 29 -43.91 36.44 -23.99
N SER A 30 -44.93 36.29 -23.15
CA SER A 30 -45.55 37.43 -22.47
C SER A 30 -45.45 37.21 -20.97
N SER A 31 -44.73 38.07 -20.29
CA SER A 31 -44.41 37.86 -18.88
C SER A 31 -44.96 38.95 -17.95
N HIS A 32 -45.49 38.53 -16.81
CA HIS A 32 -45.95 39.46 -15.80
C HIS A 32 -45.63 38.94 -14.39
N LYS A 33 -45.59 39.85 -13.43
CA LYS A 33 -45.16 39.54 -12.07
C LYS A 33 -46.25 38.77 -11.32
N GLY A 34 -45.84 37.82 -10.48
CA GLY A 34 -46.77 37.09 -9.65
C GLY A 34 -47.07 37.84 -8.37
N LEU A 35 -47.98 37.30 -7.55
CA LEU A 35 -48.42 37.97 -6.34
C LEU A 35 -47.32 38.09 -5.31
N ASN A 36 -46.39 37.15 -5.31
CA ASN A 36 -45.36 37.07 -4.27
C ASN A 36 -44.14 37.91 -4.58
N GLY A 37 -44.07 38.45 -5.80
CA GLY A 37 -42.94 39.28 -6.19
C GLY A 37 -41.74 38.48 -6.69
N ALA A 38 -41.50 37.32 -6.10
CA ALA A 38 -40.37 36.48 -6.48
C ALA A 38 -40.64 35.78 -7.81
N CYS A 39 -41.83 35.21 -7.96
CA CYS A 39 -42.16 34.40 -9.11
C CYS A 39 -42.91 35.18 -10.18
N SER A 40 -42.53 34.97 -11.44
CA SER A 40 -43.24 35.58 -12.56
C SER A 40 -44.06 34.54 -13.30
N VAL A 41 -44.95 35.00 -14.18
CA VAL A 41 -45.77 34.11 -14.97
C VAL A 41 -45.55 34.39 -16.44
N HIS A 42 -45.28 33.35 -17.21
CA HIS A 42 -44.98 33.49 -18.62
C HIS A 42 -46.02 32.80 -19.46
N GLU A 43 -46.75 33.57 -20.26
CA GLU A 43 -47.86 33.03 -21.03
C GLU A 43 -47.62 33.15 -22.53
N TYR A 44 -48.10 32.14 -23.26
CA TYR A 44 -48.00 32.13 -24.72
C TYR A 44 -48.88 31.02 -25.27
N THR A 45 -49.15 31.08 -26.57
CA THR A 45 -49.97 30.07 -27.22
C THR A 45 -49.06 29.07 -27.93
N GLY A 46 -49.48 27.81 -27.95
CA GLY A 46 -48.69 26.77 -28.61
C GLY A 46 -49.48 25.51 -28.83
N THR A 47 -48.77 24.40 -28.99
CA THR A 47 -49.40 23.11 -29.26
C THR A 47 -49.03 22.08 -28.20
N PHE A 48 -50.02 21.31 -27.76
CA PHE A 48 -49.81 20.23 -26.81
C PHE A 48 -50.68 19.04 -27.22
N ALA A 49 -50.03 17.91 -27.43
CA ALA A 49 -50.69 16.68 -27.86
C ALA A 49 -51.47 16.90 -29.16
N GLY A 50 -50.88 17.64 -30.08
CA GLY A 50 -51.48 17.93 -31.37
C GLY A 50 -52.73 18.79 -31.27
N GLN A 51 -52.75 19.69 -30.30
CA GLN A 51 -53.89 20.58 -30.08
C GLN A 51 -53.41 21.97 -29.66
N PRO A 52 -54.10 23.01 -30.15
CA PRO A 52 -53.79 24.38 -29.71
C PRO A 52 -54.19 24.62 -28.26
N VAL A 53 -53.24 25.07 -27.45
CA VAL A 53 -53.46 25.28 -26.02
C VAL A 53 -52.83 26.59 -25.58
N ARG A 54 -53.19 27.03 -24.38
CA ARG A 54 -52.51 28.17 -23.77
C ARG A 54 -51.50 27.65 -22.75
N PHE A 55 -50.26 28.12 -22.88
CA PHE A 55 -49.22 27.71 -21.94
C PHE A 55 -49.02 28.75 -20.84
N LYS A 56 -48.84 28.27 -19.62
CA LYS A 56 -48.66 29.15 -18.47
C LYS A 56 -47.47 28.68 -17.65
N MET A 57 -46.31 29.28 -17.92
CA MET A 57 -45.07 28.85 -17.26
C MET A 57 -44.70 29.77 -16.11
N THR A 58 -44.54 29.18 -14.93
CA THR A 58 -44.05 29.90 -13.77
C THR A 58 -43.09 29.00 -13.01
N SER A 59 -42.81 29.34 -11.76
CA SER A 59 -41.87 28.55 -10.97
C SER A 59 -42.14 28.62 -9.49
N VAL A 60 -41.43 27.77 -8.74
CA VAL A 60 -41.34 27.91 -7.30
C VAL A 60 -40.00 28.58 -7.01
N CYS A 61 -39.53 28.47 -5.78
CA CYS A 61 -38.18 28.95 -5.44
C CYS A 61 -37.46 27.89 -4.62
N GLY A 62 -36.98 26.86 -5.30
CA GLY A 62 -36.40 25.71 -4.63
C GLY A 62 -37.50 24.95 -3.91
N HIS A 63 -37.12 24.23 -2.86
CA HIS A 63 -38.09 23.46 -2.07
C HIS A 63 -39.22 24.34 -1.54
N VAL A 64 -40.46 23.92 -1.77
CA VAL A 64 -41.62 24.62 -1.24
C VAL A 64 -41.72 24.35 0.26
N MET A 65 -41.42 23.11 0.64
CA MET A 65 -41.58 22.67 2.02
C MET A 65 -40.25 22.26 2.66
N THR A 66 -40.22 22.30 3.98
CA THR A 66 -39.15 21.68 4.76
C THR A 66 -39.79 20.87 5.88
N LEU A 67 -39.15 19.78 6.26
CA LEU A 67 -39.72 18.93 7.29
C LEU A 67 -39.36 19.46 8.68
N ASP A 68 -40.35 19.50 9.56
CA ASP A 68 -40.16 19.94 10.93
C ASP A 68 -41.09 19.16 11.84
N PHE A 69 -40.87 19.20 13.14
CA PHE A 69 -41.78 18.56 14.07
C PHE A 69 -43.07 19.37 14.13
N LEU A 70 -44.16 18.72 14.52
CA LEU A 70 -45.45 19.39 14.63
C LEU A 70 -45.53 20.19 15.92
N GLY A 71 -45.06 21.43 15.87
CA GLY A 71 -45.05 22.30 17.03
C GLY A 71 -43.69 22.38 17.69
N LYS A 75 -38.93 24.61 20.17
CA LYS A 75 -37.69 25.38 20.29
C LYS A 75 -37.02 25.18 21.65
N TRP A 76 -37.02 26.23 22.47
CA TRP A 76 -36.46 26.18 23.81
C TRP A 76 -37.42 25.51 24.79
N ASP A 77 -38.53 25.01 24.26
CA ASP A 77 -39.59 24.42 25.09
C ASP A 77 -39.19 23.03 25.60
N LYS A 78 -39.82 22.62 26.70
CA LYS A 78 -39.45 21.38 27.38
C LYS A 78 -40.02 20.09 26.77
N VAL A 79 -39.24 19.44 25.92
CA VAL A 79 -39.68 18.16 25.36
C VAL A 79 -38.64 17.09 25.64
N ASP A 80 -39.07 15.83 25.62
CA ASP A 80 -38.17 14.70 25.79
C ASP A 80 -37.53 14.33 24.46
N PRO A 81 -36.20 14.46 24.35
CA PRO A 81 -35.51 14.11 23.11
C PRO A 81 -35.76 12.66 22.68
N ALA A 82 -35.98 11.77 23.64
CA ALA A 82 -36.27 10.37 23.35
C ALA A 82 -37.58 10.20 22.58
N GLU A 83 -38.49 11.15 22.74
CA GLU A 83 -39.78 11.13 22.06
C GLU A 83 -39.64 11.48 20.58
N LEU A 84 -38.54 12.11 20.22
CA LEU A 84 -38.34 12.61 18.86
C LEU A 84 -38.14 11.50 17.83
N PHE A 85 -37.95 10.27 18.31
CA PHE A 85 -37.76 9.13 17.41
C PHE A 85 -39.07 8.60 16.84
N SER A 86 -40.06 8.42 17.71
CA SER A 86 -41.31 7.77 17.31
C SER A 86 -42.55 8.59 17.65
N GLN A 87 -42.60 9.11 18.87
CA GLN A 87 -43.80 9.75 19.38
C GLN A 87 -44.09 11.11 18.72
N ALA A 88 -43.08 11.98 18.68
CA ALA A 88 -43.25 13.32 18.14
C ALA A 88 -43.58 13.27 16.64
N PRO A 89 -44.74 13.84 16.27
CA PRO A 89 -45.14 13.85 14.86
C PRO A 89 -44.37 14.87 14.04
N THR A 90 -44.11 14.54 12.77
CA THR A 90 -43.45 15.49 11.89
C THR A 90 -44.41 15.91 10.77
N GLU A 91 -44.21 17.13 10.27
CA GLU A 91 -45.05 17.65 9.20
C GLU A 91 -44.25 18.65 8.36
N LYS A 92 -44.63 18.79 7.09
CA LYS A 92 -43.95 19.73 6.21
C LYS A 92 -44.50 21.13 6.39
N LYS A 93 -43.59 22.09 6.52
CA LYS A 93 -43.95 23.50 6.62
C LYS A 93 -43.33 24.23 5.44
N GLU A 94 -43.91 25.37 5.06
CA GLU A 94 -43.35 26.16 3.96
C GLU A 94 -41.95 26.63 4.30
N ALA A 95 -41.01 26.35 3.40
CA ALA A 95 -39.61 26.70 3.60
C ALA A 95 -39.39 28.20 3.72
N ASN A 96 -40.21 28.95 3.00
CA ASN A 96 -40.15 30.41 3.08
C ASN A 96 -41.57 30.98 3.03
N PRO A 97 -42.19 31.12 4.21
CA PRO A 97 -43.58 31.56 4.37
C PRO A 97 -43.89 32.92 3.75
N LYS A 98 -42.92 33.84 3.75
CA LYS A 98 -43.15 35.18 3.22
C LYS A 98 -43.41 35.16 1.71
N LEU A 99 -42.96 34.11 1.04
CA LEU A 99 -43.18 33.99 -0.40
C LEU A 99 -44.57 33.44 -0.72
N ASN A 100 -45.24 32.89 0.29
CA ASN A 100 -46.59 32.33 0.11
C ASN A 100 -46.68 31.41 -1.10
N MET A 101 -45.75 30.47 -1.20
CA MET A 101 -45.56 29.68 -2.40
C MET A 101 -46.78 28.82 -2.72
N VAL A 102 -47.38 28.23 -1.69
CA VAL A 102 -48.55 27.39 -1.87
C VAL A 102 -49.73 28.20 -2.41
N LYS A 103 -49.93 29.37 -1.84
CA LYS A 103 -50.99 30.28 -2.30
C LYS A 103 -50.77 30.70 -3.75
N PHE A 104 -49.52 31.02 -4.07
CA PHE A 104 -49.16 31.42 -5.43
C PHE A 104 -49.46 30.31 -6.45
N LEU A 105 -49.11 29.08 -6.10
CA LEU A 105 -49.35 27.94 -6.98
C LEU A 105 -50.85 27.72 -7.17
N GLN A 106 -51.61 27.85 -6.08
CA GLN A 106 -53.06 27.70 -6.13
C GLN A 106 -53.71 28.76 -7.00
N VAL A 107 -53.22 29.99 -6.91
CA VAL A 107 -53.77 31.11 -7.67
C VAL A 107 -53.52 30.96 -9.17
N GLU A 108 -52.27 30.70 -9.55
CA GLU A 108 -51.92 30.59 -10.96
C GLU A 108 -52.32 29.24 -11.55
N GLY A 109 -52.41 28.23 -10.70
CA GLY A 109 -52.74 26.89 -11.14
C GLY A 109 -54.23 26.64 -11.26
N ARG A 110 -55.03 27.54 -10.70
CA ARG A 110 -56.49 27.41 -10.71
C ARG A 110 -57.04 27.41 -12.14
N GLY A 111 -57.90 26.44 -12.44
CA GLY A 111 -58.55 26.36 -13.73
C GLY A 111 -57.67 25.81 -14.83
N CYS A 112 -56.51 25.28 -14.47
CA CYS A 112 -55.60 24.67 -15.44
C CYS A 112 -55.98 23.21 -15.65
N ASP A 113 -55.79 22.71 -16.86
CA ASP A 113 -56.23 21.36 -17.21
C ASP A 113 -55.08 20.37 -17.09
N TYR A 114 -53.90 20.78 -17.51
CA TYR A 114 -52.70 19.95 -17.42
C TYR A 114 -51.61 20.66 -16.64
N ILE A 115 -50.72 19.89 -16.03
CA ILE A 115 -49.52 20.46 -15.41
C ILE A 115 -48.30 19.72 -15.92
N VAL A 116 -47.29 20.47 -16.34
CA VAL A 116 -46.03 19.88 -16.77
C VAL A 116 -44.92 20.31 -15.83
N LEU A 117 -44.26 19.35 -15.22
CA LEU A 117 -43.23 19.63 -14.22
C LEU A 117 -41.85 19.81 -14.86
N TRP A 118 -41.26 20.98 -14.64
CA TRP A 118 -39.96 21.33 -15.21
C TRP A 118 -38.91 21.54 -14.13
N LEU A 119 -39.06 20.85 -13.01
CA LEU A 119 -38.10 20.96 -11.93
C LEU A 119 -36.80 20.25 -12.30
N ASP A 120 -35.70 20.69 -11.69
CA ASP A 120 -34.38 20.11 -11.99
C ASP A 120 -34.42 18.60 -11.77
N CYS A 121 -33.68 17.88 -12.59
CA CYS A 121 -33.84 16.43 -12.64
C CYS A 121 -32.87 15.69 -11.74
N ASP A 122 -33.13 15.74 -10.44
CA ASP A 122 -32.50 14.87 -9.47
C ASP A 122 -33.58 14.38 -8.53
N LYS A 123 -33.20 13.56 -7.55
CA LYS A 123 -34.17 13.00 -6.62
C LYS A 123 -34.82 14.11 -5.81
N GLU A 124 -34.03 15.13 -5.48
CA GLU A 124 -34.52 16.31 -4.81
C GLU A 124 -35.63 16.98 -5.63
N GLY A 125 -35.37 17.13 -6.93
CA GLY A 125 -36.34 17.73 -7.84
C GLY A 125 -37.63 16.95 -7.94
N GLU A 126 -37.52 15.62 -7.90
CA GLU A 126 -38.69 14.75 -7.93
C GLU A 126 -39.53 14.97 -6.68
N ASN A 127 -38.86 15.23 -5.56
CA ASN A 127 -39.55 15.50 -4.31
C ASN A 127 -40.34 16.80 -4.38
N ILE A 128 -39.77 17.80 -5.06
CA ILE A 128 -40.45 19.08 -5.22
C ILE A 128 -41.64 18.95 -6.16
N CYS A 129 -41.56 18.04 -7.12
CA CYS A 129 -42.66 17.75 -8.03
C CYS A 129 -43.96 17.50 -7.27
N PHE A 130 -43.86 16.66 -6.23
CA PHE A 130 -45.03 16.30 -5.45
C PHE A 130 -45.40 17.39 -4.45
N GLU A 131 -44.45 18.23 -4.09
CA GLU A 131 -44.76 19.46 -3.35
C GLU A 131 -45.67 20.33 -4.21
N VAL A 132 -45.27 20.50 -5.47
CA VAL A 132 -46.02 21.29 -6.44
C VAL A 132 -47.37 20.66 -6.72
N LEU A 133 -47.38 19.35 -6.96
CA LEU A 133 -48.60 18.62 -7.26
C LEU A 133 -49.60 18.69 -6.09
N ASP A 134 -49.08 18.63 -4.88
CA ASP A 134 -49.93 18.69 -3.69
C ASP A 134 -50.67 20.02 -3.61
N ALA A 135 -50.05 21.09 -4.11
CA ALA A 135 -50.64 22.41 -4.08
C ALA A 135 -51.57 22.69 -5.27
N VAL A 136 -51.20 22.19 -6.44
CA VAL A 136 -51.89 22.57 -7.68
C VAL A 136 -53.06 21.63 -8.02
N LEU A 137 -52.90 20.34 -7.77
CA LEU A 137 -53.93 19.34 -8.09
C LEU A 137 -55.34 19.65 -7.55
N PRO A 138 -55.45 20.10 -6.29
CA PRO A 138 -56.81 20.37 -5.79
C PRO A 138 -57.52 21.55 -6.46
N VAL A 139 -56.76 22.39 -7.17
CA VAL A 139 -57.33 23.62 -7.72
C VAL A 139 -57.45 23.58 -9.24
N MET A 140 -57.02 22.47 -9.84
CA MET A 140 -57.06 22.34 -11.29
C MET A 140 -58.49 22.18 -11.82
N ASN A 141 -58.65 22.43 -13.12
CA ASN A 141 -59.94 22.24 -13.78
C ASN A 141 -60.36 20.77 -13.78
N LYS A 142 -61.61 20.53 -13.43
CA LYS A 142 -62.14 19.18 -13.32
C LYS A 142 -62.59 18.57 -14.65
N ALA A 143 -62.58 19.38 -15.71
CA ALA A 143 -63.10 18.93 -17.01
C ALA A 143 -62.39 17.69 -17.52
N HIS A 144 -61.11 17.85 -17.85
CA HIS A 144 -60.29 16.71 -18.28
C HIS A 144 -59.68 16.03 -17.07
N GLY A 145 -60.45 15.90 -16.00
CA GLY A 145 -59.92 15.39 -14.75
C GLY A 145 -59.60 13.91 -14.68
N GLY A 146 -60.11 13.12 -15.63
CA GLY A 146 -59.83 11.70 -15.61
C GLY A 146 -58.84 11.31 -16.70
N GLU A 147 -58.26 12.32 -17.34
CA GLU A 147 -57.26 12.13 -18.38
C GLU A 147 -55.87 12.17 -17.75
N LYS A 148 -54.84 12.00 -18.56
CA LYS A 148 -53.49 12.19 -18.07
C LYS A 148 -53.26 13.69 -17.98
N THR A 149 -53.22 14.22 -16.76
CA THR A 149 -53.13 15.66 -16.55
C THR A 149 -51.80 16.09 -15.94
N VAL A 150 -50.99 15.12 -15.55
CA VAL A 150 -49.70 15.39 -14.94
C VAL A 150 -48.55 14.91 -15.80
N PHE A 151 -47.62 15.80 -16.11
CA PHE A 151 -46.49 15.46 -16.96
C PHE A 151 -45.18 15.88 -16.31
N ARG A 152 -44.09 15.20 -16.69
CA ARG A 152 -42.78 15.48 -16.12
C ARG A 152 -41.73 15.57 -17.22
N ALA A 153 -41.11 16.74 -17.35
CA ALA A 153 -40.07 16.94 -18.35
C ALA A 153 -38.71 16.52 -17.79
N ARG A 154 -37.90 15.87 -18.62
CA ARG A 154 -36.58 15.45 -18.21
C ARG A 154 -35.53 16.09 -19.10
N PHE A 155 -34.56 16.75 -18.48
CA PHE A 155 -33.58 17.55 -19.20
C PHE A 155 -32.33 17.72 -18.35
N SER A 156 -31.21 18.01 -19.01
CA SER A 156 -29.94 18.11 -18.32
C SER A 156 -29.28 19.47 -18.50
N SER A 157 -29.85 20.29 -19.37
CA SER A 157 -29.30 21.61 -19.66
C SER A 157 -30.40 22.54 -20.13
N ILE A 158 -30.23 23.83 -19.88
CA ILE A 158 -31.21 24.81 -20.34
C ILE A 158 -30.81 25.26 -21.74
N THR A 159 -30.90 24.33 -22.68
CA THR A 159 -30.59 24.60 -24.07
C THR A 159 -31.74 24.24 -24.99
N ASP A 160 -31.78 24.87 -26.16
CA ASP A 160 -32.81 24.65 -27.16
C ASP A 160 -33.00 23.17 -27.48
N THR A 161 -31.89 22.47 -27.70
CA THR A 161 -31.94 21.05 -28.03
C THR A 161 -32.55 20.21 -26.91
N ASP A 162 -32.07 20.42 -25.69
CA ASP A 162 -32.47 19.58 -24.56
C ASP A 162 -33.88 19.91 -24.06
N ILE A 163 -34.25 21.19 -24.11
CA ILE A 163 -35.56 21.61 -23.61
C ILE A 163 -36.68 21.23 -24.58
N CYS A 164 -36.44 21.42 -25.88
CA CYS A 164 -37.43 21.06 -26.90
C CYS A 164 -37.66 19.55 -26.95
N ASN A 165 -36.58 18.78 -26.81
CA ASN A 165 -36.69 17.32 -26.77
C ASN A 165 -37.44 16.84 -25.55
N ALA A 166 -37.30 17.54 -24.43
CA ALA A 166 -37.99 17.18 -23.20
C ALA A 166 -39.50 17.23 -23.40
N MET A 167 -39.96 18.28 -24.05
CA MET A 167 -41.38 18.45 -24.34
C MET A 167 -41.91 17.33 -25.23
N ALA A 168 -41.05 16.85 -26.13
CA ALA A 168 -41.44 15.83 -27.10
C ALA A 168 -41.56 14.43 -26.50
N CYS A 169 -40.92 14.20 -25.35
CA CYS A 169 -40.99 12.90 -24.70
C CYS A 169 -41.25 13.04 -23.20
N LEU A 170 -42.39 13.63 -22.86
CA LEU A 170 -42.75 13.85 -21.47
C LEU A 170 -43.03 12.54 -20.73
N GLY A 171 -42.54 12.44 -19.50
CA GLY A 171 -42.77 11.28 -18.66
C GLY A 171 -43.59 11.60 -17.42
N GLU A 172 -43.32 10.88 -16.34
CA GLU A 172 -44.06 11.06 -15.09
C GLU A 172 -43.09 11.28 -13.93
N PRO A 173 -43.55 11.97 -12.87
CA PRO A 173 -42.72 12.16 -11.68
C PRO A 173 -42.45 10.84 -10.96
N ASP A 174 -41.27 10.71 -10.37
CA ASP A 174 -40.86 9.47 -9.72
C ASP A 174 -41.12 9.57 -8.21
N HIS A 175 -42.19 8.93 -7.75
CA HIS A 175 -42.57 9.01 -6.34
C HIS A 175 -41.59 8.26 -5.44
N ASN A 176 -40.96 7.22 -5.97
CA ASN A 176 -39.97 6.46 -5.20
C ASN A 176 -38.77 7.33 -4.83
N GLU A 177 -38.28 8.09 -5.81
CA GLU A 177 -37.16 8.99 -5.57
C GLU A 177 -37.56 10.10 -4.62
N ALA A 178 -38.81 10.56 -4.75
CA ALA A 178 -39.36 11.55 -3.84
C ALA A 178 -39.44 11.04 -2.42
N LEU A 179 -39.81 9.77 -2.26
CA LEU A 179 -39.91 9.15 -0.95
C LEU A 179 -38.55 9.01 -0.29
N SER A 180 -37.53 8.72 -1.09
CA SER A 180 -36.17 8.58 -0.58
C SER A 180 -35.69 9.89 0.04
N VAL A 181 -36.05 11.00 -0.59
CA VAL A 181 -35.70 12.32 -0.08
C VAL A 181 -36.42 12.58 1.23
N ASP A 182 -37.71 12.27 1.27
CA ASP A 182 -38.51 12.40 2.48
C ASP A 182 -37.93 11.59 3.63
N ALA A 183 -37.57 10.34 3.34
CA ALA A 183 -37.03 9.43 4.35
C ALA A 183 -35.72 9.94 4.93
N ARG A 184 -34.84 10.44 4.06
CA ARG A 184 -33.57 11.00 4.51
C ARG A 184 -33.79 12.22 5.38
N GLN A 185 -34.72 13.09 4.97
CA GLN A 185 -35.06 14.27 5.74
C GLN A 185 -35.57 13.91 7.13
N GLU A 186 -36.49 12.95 7.18
CA GLU A 186 -37.08 12.55 8.46
C GLU A 186 -36.07 11.86 9.36
N LEU A 187 -35.24 11.01 8.78
CA LEU A 187 -34.19 10.33 9.53
C LEU A 187 -33.22 11.32 10.13
N ASP A 188 -32.73 12.25 9.31
CA ASP A 188 -31.74 13.22 9.75
C ASP A 188 -32.33 14.22 10.76
N LEU A 189 -33.59 14.56 10.59
CA LEU A 189 -34.26 15.48 11.50
C LEU A 189 -34.45 14.85 12.88
N ARG A 190 -35.07 13.68 12.91
CA ARG A 190 -35.36 12.99 14.16
C ARG A 190 -34.08 12.59 14.92
N ILE A 191 -33.22 11.84 14.25
CA ILE A 191 -31.98 11.36 14.85
C ILE A 191 -31.05 12.53 15.18
N GLY A 192 -31.01 13.50 14.28
CA GLY A 192 -30.19 14.69 14.49
C GLY A 192 -30.62 15.51 15.69
N CYS A 193 -31.91 15.81 15.78
CA CYS A 193 -32.41 16.66 16.86
C CYS A 193 -32.41 15.94 18.20
N ALA A 194 -32.65 14.63 18.19
CA ALA A 194 -32.68 13.84 19.42
C ALA A 194 -31.35 13.86 20.15
N PHE A 195 -30.29 13.47 19.45
CA PHE A 195 -28.95 13.44 20.04
C PHE A 195 -28.45 14.85 20.38
N THR A 196 -28.79 15.81 19.54
CA THR A 196 -28.34 17.19 19.71
C THR A 196 -29.02 17.91 20.87
N ARG A 197 -30.35 17.90 20.86
CA ARG A 197 -31.13 18.66 21.84
C ARG A 197 -30.88 18.14 23.25
N PHE A 198 -30.67 16.83 23.37
CA PHE A 198 -30.32 16.22 24.65
C PHE A 198 -29.04 16.82 25.21
N GLN A 199 -28.03 16.95 24.36
CA GLN A 199 -26.73 17.45 24.81
C GLN A 199 -26.75 18.95 25.09
N THR A 200 -27.46 19.70 24.26
CA THR A 200 -27.55 21.15 24.46
C THR A 200 -28.20 21.47 25.80
N LYS A 201 -29.18 20.65 26.18
CA LYS A 201 -29.85 20.83 27.46
C LYS A 201 -28.99 20.27 28.61
N TYR A 202 -28.44 19.08 28.40
CA TYR A 202 -27.63 18.41 29.41
C TYR A 202 -26.42 19.24 29.83
N PHE A 203 -25.82 19.94 28.89
CA PHE A 203 -24.61 20.71 29.15
C PHE A 203 -24.89 22.19 29.35
N GLN A 204 -26.17 22.57 29.28
CA GLN A 204 -26.57 23.97 29.39
C GLN A 204 -26.13 24.60 30.71
N GLY A 205 -25.22 25.55 30.61
CA GLY A 205 -24.71 26.25 31.79
C GLY A 205 -23.92 25.37 32.74
N LYS A 206 -23.60 24.16 32.30
CA LYS A 206 -22.88 23.21 33.14
C LYS A 206 -21.41 23.61 33.33
N TYR A 207 -20.79 24.10 32.26
CA TYR A 207 -19.39 24.50 32.33
C TYR A 207 -19.19 25.91 31.81
N GLY A 208 -18.38 26.69 32.53
CA GLY A 208 -18.22 28.12 32.28
C GLY A 208 -17.75 28.50 30.88
N ASP A 209 -16.84 27.72 30.32
CA ASP A 209 -16.28 28.05 29.01
C ASP A 209 -16.97 27.29 27.88
N LEU A 210 -18.12 26.71 28.17
CA LEU A 210 -18.84 25.90 27.17
C LEU A 210 -20.24 26.44 26.90
N ASP A 211 -20.44 26.92 25.67
CA ASP A 211 -21.76 27.27 25.18
C ASP A 211 -22.39 26.01 24.60
N SER A 212 -23.28 25.39 25.38
CA SER A 212 -23.84 24.08 25.05
C SER A 212 -24.61 24.06 23.74
N SER A 213 -25.01 25.24 23.27
CA SER A 213 -25.76 25.35 22.03
C SER A 213 -24.87 25.06 20.81
N LEU A 214 -23.57 24.94 21.04
CA LEU A 214 -22.63 24.64 19.96
C LEU A 214 -22.50 23.14 19.71
N ILE A 215 -22.99 22.34 20.64
CA ILE A 215 -22.90 20.89 20.53
C ILE A 215 -24.01 20.35 19.62
N SER A 216 -23.65 19.44 18.72
CA SER A 216 -24.63 18.81 17.86
C SER A 216 -24.17 17.42 17.41
N PHE A 217 -25.14 16.59 17.05
CA PHE A 217 -24.84 15.33 16.38
C PHE A 217 -25.64 15.27 15.08
N GLY A 218 -25.03 14.68 14.07
CA GLY A 218 -25.70 14.45 12.80
C GLY A 218 -25.26 13.11 12.26
N PRO A 219 -26.21 12.30 11.78
CA PRO A 219 -25.92 10.95 11.28
C PRO A 219 -24.94 10.95 10.12
N CYS A 220 -24.74 12.10 9.48
CA CYS A 220 -23.77 12.22 8.39
C CYS A 220 -22.66 13.22 8.70
N GLN A 221 -23.01 14.36 9.30
CA GLN A 221 -22.03 15.40 9.58
C GLN A 221 -20.98 14.97 10.61
N THR A 222 -21.40 14.12 11.55
CA THR A 222 -20.49 13.65 12.58
C THR A 222 -19.43 12.68 12.02
N PRO A 223 -19.86 11.69 11.20
CA PRO A 223 -18.81 10.89 10.55
C PRO A 223 -17.92 11.72 9.62
N THR A 224 -18.47 12.75 9.01
CA THR A 224 -17.71 13.64 8.14
C THR A 224 -16.62 14.34 8.94
N LEU A 225 -17.02 14.88 10.09
CA LEU A 225 -16.08 15.49 11.02
C LEU A 225 -15.10 14.43 11.52
N GLY A 226 -15.59 13.22 11.70
CA GLY A 226 -14.79 12.09 12.14
C GLY A 226 -13.54 11.87 11.30
N PHE A 227 -13.70 11.98 9.98
CA PHE A 227 -12.57 11.88 9.06
C PHE A 227 -11.48 12.91 9.36
N CYS A 228 -11.90 14.16 9.56
CA CYS A 228 -10.97 15.26 9.81
C CYS A 228 -10.23 15.09 11.14
N VAL A 229 -10.96 14.62 12.15
CA VAL A 229 -10.38 14.42 13.48
C VAL A 229 -9.46 13.21 13.49
N GLU A 230 -9.79 12.20 12.68
CA GLU A 230 -8.93 11.03 12.53
C GLU A 230 -7.56 11.44 12.02
N ARG A 231 -7.54 12.31 11.01
CA ARG A 231 -6.30 12.83 10.46
C ARG A 231 -5.53 13.61 11.52
N HIS A 232 -6.26 14.42 12.29
CA HIS A 232 -5.67 15.17 13.40
C HIS A 232 -4.97 14.23 14.38
N ASP A 233 -5.63 13.11 14.68
CA ASP A 233 -5.08 12.11 15.59
C ASP A 233 -3.82 11.48 15.04
N LYS A 234 -3.83 11.16 13.74
CA LYS A 234 -2.66 10.60 13.08
C LYS A 234 -1.48 11.57 13.11
N ILE A 235 -1.76 12.85 12.96
CA ILE A 235 -0.74 13.88 13.00
C ILE A 235 -0.10 14.01 14.39
N GLN A 236 -0.94 13.97 15.43
CA GLN A 236 -0.46 14.15 16.80
C GLN A 236 0.34 12.95 17.29
N SER A 237 0.01 11.76 16.77
CA SER A 237 0.66 10.53 17.21
C SER A 237 1.77 10.08 16.28
N PHE A 238 2.07 10.89 15.27
CA PHE A 238 3.08 10.51 14.29
C PHE A 238 4.49 10.49 14.87
N LYS A 239 5.24 9.45 14.54
CA LYS A 239 6.62 9.32 14.98
C LYS A 239 7.55 9.27 13.77
N PRO A 240 8.31 10.33 13.54
CA PRO A 240 9.24 10.40 12.41
C PRO A 240 10.30 9.29 12.47
N GLU A 241 10.64 8.73 11.31
CA GLU A 241 11.68 7.71 11.24
C GLU A 241 12.85 8.17 10.38
N THR A 242 14.05 7.90 10.87
CA THR A 242 15.25 8.15 10.11
C THR A 242 15.41 7.10 9.02
N TYR A 243 15.72 7.54 7.81
CA TYR A 243 16.05 6.61 6.74
C TYR A 243 17.24 7.13 5.93
N TRP A 244 17.84 6.24 5.15
CA TRP A 244 19.04 6.60 4.41
C TRP A 244 18.90 6.32 2.92
N VAL A 245 19.35 7.28 2.12
CA VAL A 245 19.28 7.16 0.67
C VAL A 245 20.69 7.25 0.10
N LEU A 246 21.11 6.20 -0.60
CA LEU A 246 22.37 6.24 -1.33
C LEU A 246 22.17 6.88 -2.68
N GLN A 247 23.00 7.87 -3.02
CA GLN A 247 22.99 8.42 -4.36
C GLN A 247 24.40 8.66 -4.90
N ALA A 248 24.55 8.48 -6.21
CA ALA A 248 25.86 8.59 -6.85
C ALA A 248 25.77 9.56 -8.02
N LYS A 249 26.89 10.23 -8.31
CA LYS A 249 26.95 11.14 -9.44
C LYS A 249 27.98 10.65 -10.45
N VAL A 250 27.60 10.74 -11.72
CA VAL A 250 28.36 10.17 -12.81
C VAL A 250 28.67 11.21 -13.89
N ASN A 251 29.88 11.16 -14.45
CA ASN A 251 30.26 12.10 -15.49
C ASN A 251 30.16 11.46 -16.88
N THR A 252 29.29 12.03 -17.72
CA THR A 252 29.11 11.55 -19.08
C THR A 252 30.31 11.85 -19.97
N ASP A 253 30.24 11.41 -21.22
CA ASP A 253 31.30 11.69 -22.18
C ASP A 253 31.25 13.14 -22.62
N LYS A 254 30.08 13.75 -22.50
CA LYS A 254 29.92 15.17 -22.82
C LYS A 254 30.06 16.01 -21.56
N ASP A 255 30.72 15.44 -20.56
CA ASP A 255 31.03 16.11 -19.29
C ASP A 255 29.80 16.67 -18.58
N ARG A 256 28.84 15.80 -18.29
CA ARG A 256 27.66 16.19 -17.53
C ARG A 256 27.54 15.37 -16.26
N SER A 257 27.02 15.98 -15.20
CA SER A 257 26.80 15.24 -13.96
C SER A 257 25.44 14.57 -14.01
N LEU A 258 25.42 13.24 -14.12
CA LEU A 258 24.18 12.50 -13.98
C LEU A 258 23.95 12.12 -12.52
N LEU A 259 22.84 12.54 -11.96
CA LEU A 259 22.45 12.07 -10.64
C LEU A 259 21.74 10.74 -10.79
N LEU A 260 22.20 9.74 -10.05
CA LEU A 260 21.63 8.40 -10.16
C LEU A 260 20.77 8.07 -8.94
N ASP A 261 19.68 7.34 -9.19
CA ASP A 261 18.78 6.94 -8.13
C ASP A 261 19.04 5.49 -7.70
N TRP A 262 19.11 5.29 -6.39
CA TRP A 262 19.36 3.98 -5.80
C TRP A 262 18.23 3.02 -6.12
N ASP A 263 18.56 1.84 -6.64
CA ASP A 263 17.56 0.84 -6.98
C ASP A 263 16.81 0.36 -5.74
N ARG A 264 17.50 0.29 -4.61
CA ARG A 264 16.88 -0.06 -3.34
C ARG A 264 16.09 1.12 -2.76
N VAL A 265 16.25 2.27 -3.39
CA VAL A 265 15.57 3.55 -3.08
C VAL A 265 15.92 4.08 -1.68
N ARG A 266 15.66 3.32 -0.62
CA ARG A 266 15.92 3.80 0.73
C ARG A 266 16.11 2.65 1.72
N VAL A 267 16.67 2.97 2.88
CA VAL A 267 16.92 2.00 3.93
C VAL A 267 16.68 2.62 5.31
N PHE A 268 16.15 1.82 6.24
CA PHE A 268 15.81 2.32 7.57
C PHE A 268 16.72 1.74 8.64
N ASP A 269 17.77 1.05 8.23
CA ASP A 269 18.73 0.47 9.16
C ASP A 269 20.07 1.19 9.04
N ARG A 270 20.59 1.69 10.16
CA ARG A 270 21.81 2.49 10.17
C ARG A 270 23.03 1.70 9.72
N GLU A 271 23.15 0.47 10.21
CA GLU A 271 24.32 -0.35 9.95
C GLU A 271 24.38 -0.79 8.49
N ILE A 272 23.24 -1.18 7.94
CA ILE A 272 23.21 -1.65 6.57
C ILE A 272 23.40 -0.48 5.60
N ALA A 273 22.99 0.71 6.05
CA ALA A 273 23.20 1.93 5.28
C ALA A 273 24.69 2.23 5.14
N GLN A 274 25.39 2.18 6.28
CA GLN A 274 26.83 2.39 6.31
C GLN A 274 27.54 1.33 5.46
N MET A 275 26.99 0.12 5.48
CA MET A 275 27.54 -0.99 4.71
C MET A 275 27.47 -0.69 3.21
N PHE A 276 26.31 -0.22 2.75
CA PHE A 276 26.12 0.11 1.34
C PHE A 276 26.99 1.27 0.88
N LEU A 277 27.15 2.27 1.75
CA LEU A 277 28.00 3.42 1.42
C LEU A 277 29.46 3.00 1.28
N ASN A 278 29.92 2.15 2.19
CA ASN A 278 31.30 1.67 2.17
C ASN A 278 31.65 0.91 0.90
N MET A 279 30.71 0.12 0.41
CA MET A 279 30.97 -0.75 -0.74
C MET A 279 30.78 -0.05 -2.08
N THR A 280 30.45 1.24 -2.04
CA THR A 280 30.26 2.00 -3.28
C THR A 280 31.12 3.26 -3.35
N LYS A 281 31.42 3.85 -2.20
CA LYS A 281 32.10 5.15 -2.16
C LYS A 281 33.49 5.12 -2.79
N LEU A 282 34.12 3.96 -2.81
CA LEU A 282 35.48 3.83 -3.34
C LEU A 282 35.48 3.40 -4.80
N GLU A 283 34.34 2.91 -5.28
CA GLU A 283 34.23 2.50 -6.68
C GLU A 283 34.37 3.73 -7.57
N LYS A 284 35.20 3.62 -8.61
CA LYS A 284 35.50 4.76 -9.46
C LYS A 284 34.82 4.68 -10.82
N GLU A 285 34.25 3.53 -11.14
CA GLU A 285 33.64 3.35 -12.45
C GLU A 285 32.22 2.83 -12.36
N ALA A 286 31.33 3.39 -13.18
CA ALA A 286 29.98 2.90 -13.31
C ALA A 286 29.76 2.26 -14.68
N GLN A 287 29.34 1.00 -14.68
CA GLN A 287 29.11 0.28 -15.93
C GLN A 287 27.63 0.32 -16.32
N VAL A 288 27.37 0.72 -17.56
CA VAL A 288 26.01 0.70 -18.08
C VAL A 288 25.54 -0.72 -18.29
N GLU A 289 24.50 -1.14 -17.57
CA GLU A 289 24.00 -2.50 -17.66
C GLU A 289 22.79 -2.60 -18.58
N ALA A 290 22.02 -1.53 -18.66
CA ALA A 290 20.84 -1.53 -19.52
C ALA A 290 20.38 -0.12 -19.87
N THR A 291 19.69 -0.01 -21.00
CA THR A 291 19.06 1.23 -21.41
C THR A 291 17.66 0.91 -21.93
N SER A 292 16.77 1.89 -21.91
CA SER A 292 15.44 1.70 -22.48
C SER A 292 14.83 3.02 -22.91
N ARG A 293 14.08 2.98 -24.00
CA ARG A 293 13.23 4.09 -24.38
C ARG A 293 11.83 3.54 -24.61
N LYS A 294 10.86 4.08 -23.89
CA LYS A 294 9.48 3.65 -24.06
C LYS A 294 8.58 4.83 -24.36
N GLU A 295 7.86 4.78 -25.46
CA GLU A 295 6.86 5.79 -25.73
C GLU A 295 5.65 5.51 -24.84
N LYS A 296 5.28 6.48 -24.04
CA LYS A 296 4.18 6.33 -23.11
C LYS A 296 3.24 7.51 -23.24
N ALA A 297 2.03 7.37 -22.69
CA ALA A 297 1.03 8.41 -22.83
C ALA A 297 0.51 8.88 -21.48
N LYS A 298 0.48 10.20 -21.31
CA LYS A 298 -0.21 10.79 -20.18
C LYS A 298 -1.60 11.11 -20.68
N GLN A 299 -2.57 10.33 -20.22
CA GLN A 299 -3.93 10.38 -20.76
C GLN A 299 -4.68 11.66 -20.47
N ARG A 300 -5.50 12.06 -21.43
CA ARG A 300 -6.46 13.14 -21.25
C ARG A 300 -7.44 12.75 -20.16
N PRO A 301 -8.07 13.73 -19.50
CA PRO A 301 -8.93 13.37 -18.37
C PRO A 301 -10.22 12.67 -18.77
N LEU A 302 -10.79 11.91 -17.84
CA LEU A 302 -12.17 11.44 -17.99
C LEU A 302 -13.08 12.66 -18.04
N ALA A 303 -14.23 12.52 -18.68
CA ALA A 303 -15.20 13.60 -18.71
C ALA A 303 -15.60 13.99 -17.29
N LEU A 304 -15.83 15.28 -17.07
CA LEU A 304 -15.95 15.83 -15.73
C LEU A 304 -17.25 15.46 -15.01
N ASN A 305 -17.13 14.89 -13.83
CA ASN A 305 -18.30 14.64 -12.98
C ASN A 305 -18.28 15.61 -11.80
N THR A 306 -19.36 15.62 -11.01
CA THR A 306 -19.48 16.54 -9.88
C THR A 306 -18.36 16.42 -8.86
N VAL A 307 -18.04 15.19 -8.46
CA VAL A 307 -17.00 14.94 -7.47
C VAL A 307 -15.65 15.52 -7.90
N GLU A 308 -15.28 15.31 -9.16
CA GLU A 308 -14.02 15.83 -9.68
C GLU A 308 -14.04 17.36 -9.74
N MET A 309 -15.17 17.92 -10.18
CA MET A 309 -15.33 19.38 -10.24
C MET A 309 -15.08 20.01 -8.87
N LEU A 310 -15.64 19.39 -7.84
CA LEU A 310 -15.50 19.89 -6.48
C LEU A 310 -14.07 19.81 -5.98
N ARG A 311 -13.37 18.72 -6.30
CA ARG A 311 -11.97 18.57 -5.90
C ARG A 311 -11.11 19.66 -6.51
N VAL A 312 -11.29 19.89 -7.81
CA VAL A 312 -10.49 20.87 -8.53
C VAL A 312 -10.83 22.30 -8.11
N ALA A 313 -12.12 22.57 -7.95
CA ALA A 313 -12.59 23.89 -7.55
C ALA A 313 -11.98 24.29 -6.20
N SER A 314 -11.78 23.28 -5.34
CA SER A 314 -11.16 23.51 -4.04
C SER A 314 -9.65 23.61 -4.16
N SER A 315 -9.03 22.58 -4.73
CA SER A 315 -7.58 22.50 -4.82
C SER A 315 -6.97 23.57 -5.73
N SER A 316 -7.64 23.88 -6.83
CA SER A 316 -7.06 24.77 -7.83
C SER A 316 -7.68 26.17 -7.82
N LEU A 317 -8.99 26.25 -7.59
CA LEU A 317 -9.69 27.53 -7.70
C LEU A 317 -9.97 28.14 -6.33
N GLY A 318 -9.64 27.41 -5.28
CA GLY A 318 -9.84 27.89 -3.92
C GLY A 318 -11.29 28.05 -3.50
N MET A 319 -12.19 27.32 -4.16
CA MET A 319 -13.61 27.40 -3.82
C MET A 319 -14.04 26.25 -2.93
N GLY A 320 -14.67 26.58 -1.80
CA GLY A 320 -15.28 25.57 -0.95
C GLY A 320 -16.36 24.83 -1.73
N PRO A 321 -16.65 23.59 -1.34
CA PRO A 321 -17.61 22.74 -2.06
C PRO A 321 -18.97 23.41 -2.25
N GLN A 322 -19.50 24.04 -1.21
CA GLN A 322 -20.77 24.75 -1.33
C GLN A 322 -20.66 25.94 -2.26
N HIS A 323 -19.56 26.69 -2.13
CA HIS A 323 -19.31 27.83 -3.00
C HIS A 323 -19.23 27.38 -4.47
N ALA A 324 -18.59 26.24 -4.70
CA ALA A 324 -18.44 25.70 -6.05
C ALA A 324 -19.77 25.24 -6.62
N MET A 325 -20.58 24.58 -5.80
CA MET A 325 -21.88 24.06 -6.24
C MET A 325 -22.84 25.17 -6.66
N GLN A 326 -22.94 26.22 -5.84
CA GLN A 326 -23.83 27.32 -6.12
C GLN A 326 -23.36 28.09 -7.36
N THR A 327 -22.05 28.15 -7.53
CA THR A 327 -21.45 28.78 -8.71
C THR A 327 -21.80 27.95 -9.94
N ALA A 328 -21.66 26.64 -9.80
CA ALA A 328 -21.98 25.71 -10.88
C ALA A 328 -23.47 25.73 -11.20
N GLU A 329 -24.30 25.77 -10.16
CA GLU A 329 -25.74 25.79 -10.33
C GLU A 329 -26.20 27.07 -11.03
N ARG A 330 -25.54 28.18 -10.72
CA ARG A 330 -25.84 29.44 -11.39
C ARG A 330 -25.48 29.37 -12.87
N LEU A 331 -24.33 28.75 -13.15
CA LEU A 331 -23.91 28.52 -14.54
C LEU A 331 -24.92 27.67 -15.30
N TYR A 332 -25.42 26.62 -14.64
CA TYR A 332 -26.44 25.75 -15.21
C TYR A 332 -27.73 26.52 -15.47
N THR A 333 -28.09 27.35 -14.50
CA THR A 333 -29.29 28.18 -14.58
C THR A 333 -29.28 29.10 -15.80
N GLN A 334 -28.13 29.71 -16.08
CA GLN A 334 -28.01 30.62 -17.19
C GLN A 334 -27.69 29.89 -18.50
N GLY A 335 -27.61 28.56 -18.42
CA GLY A 335 -27.42 27.74 -19.59
C GLY A 335 -26.00 27.64 -20.13
N TYR A 336 -25.01 27.90 -19.28
CA TYR A 336 -23.62 27.84 -19.69
C TYR A 336 -23.02 26.44 -19.55
N ILE A 337 -23.55 25.67 -18.59
CA ILE A 337 -23.12 24.29 -18.42
C ILE A 337 -24.30 23.36 -18.22
N SER A 338 -24.07 22.06 -18.39
CA SER A 338 -25.10 21.06 -18.11
C SER A 338 -25.25 20.91 -16.59
N TYR A 339 -26.24 20.11 -16.16
CA TYR A 339 -26.54 19.99 -14.74
C TYR A 339 -25.35 19.45 -13.95
N PRO A 340 -24.87 20.26 -12.98
CA PRO A 340 -23.61 20.00 -12.28
C PRO A 340 -23.71 19.01 -11.13
N ARG A 341 -24.81 18.25 -11.08
CA ARG A 341 -24.92 17.16 -10.12
C ARG A 341 -25.04 15.83 -10.85
N THR A 342 -23.89 15.21 -11.10
CA THR A 342 -23.82 13.98 -11.88
C THR A 342 -22.62 13.13 -11.49
N GLU A 343 -22.77 11.81 -11.62
CA GLU A 343 -21.67 10.88 -11.35
C GLU A 343 -21.09 10.38 -12.66
N THR A 344 -21.73 10.75 -13.76
CA THR A 344 -21.37 10.27 -15.09
C THR A 344 -20.09 10.90 -15.62
N THR A 345 -19.18 10.06 -16.11
CA THR A 345 -17.95 10.51 -16.73
C THR A 345 -17.90 10.05 -18.19
N HIS A 346 -19.07 9.73 -18.73
CA HIS A 346 -19.17 9.21 -20.08
C HIS A 346 -20.13 10.04 -20.92
N TYR A 347 -19.63 10.55 -22.05
CA TYR A 347 -20.44 11.31 -22.98
C TYR A 347 -21.46 10.43 -23.67
N PRO A 348 -22.73 10.84 -23.67
CA PRO A 348 -23.72 10.08 -24.43
C PRO A 348 -23.40 10.12 -25.92
N GLU A 349 -23.71 9.06 -26.63
CA GLU A 349 -23.39 8.93 -28.05
C GLU A 349 -24.02 10.03 -28.91
N ASN A 350 -25.24 10.46 -28.58
CA ASN A 350 -25.90 11.46 -29.39
C ASN A 350 -25.24 12.84 -29.33
N PHE A 351 -24.56 13.12 -28.22
CA PHE A 351 -24.02 14.45 -27.96
C PHE A 351 -23.06 14.91 -29.06
N ASP A 352 -23.30 16.11 -29.57
CA ASP A 352 -22.50 16.68 -30.64
C ASP A 352 -21.26 17.34 -30.04
N LEU A 353 -20.20 16.56 -29.89
CA LEU A 353 -18.96 17.04 -29.30
C LEU A 353 -18.28 18.10 -30.16
N LYS A 354 -18.22 17.87 -31.47
CA LYS A 354 -17.57 18.81 -32.37
C LYS A 354 -18.32 20.14 -32.37
N GLY A 355 -19.65 20.06 -32.30
CA GLY A 355 -20.50 21.22 -32.20
C GLY A 355 -20.15 22.06 -30.99
N SER A 356 -20.02 21.39 -29.85
CA SER A 356 -19.66 22.04 -28.60
C SER A 356 -18.27 22.64 -28.68
N LEU A 357 -17.35 21.93 -29.32
CA LEU A 357 -15.98 22.41 -29.46
C LEU A 357 -15.96 23.64 -30.36
N ARG A 358 -16.79 23.62 -31.38
CA ARG A 358 -16.91 24.72 -32.33
C ARG A 358 -17.34 26.01 -31.62
N GLN A 359 -18.13 25.86 -30.56
CA GLN A 359 -18.60 27.00 -29.79
C GLN A 359 -17.45 27.76 -29.10
N GLN A 360 -16.32 27.08 -28.92
CA GLN A 360 -15.19 27.68 -28.20
C GLN A 360 -14.11 28.21 -29.14
N ALA A 361 -14.40 28.17 -30.44
CA ALA A 361 -13.41 28.52 -31.45
C ALA A 361 -13.12 30.03 -31.54
N ASN A 362 -13.82 30.83 -30.73
CA ASN A 362 -13.67 32.27 -30.83
C ASN A 362 -13.19 32.95 -29.54
N HIS A 363 -13.01 32.18 -28.47
CA HIS A 363 -12.47 32.75 -27.24
C HIS A 363 -10.95 32.86 -27.34
N PRO A 364 -10.42 34.06 -27.05
CA PRO A 364 -8.99 34.42 -27.18
C PRO A 364 -8.04 33.42 -26.51
N TYR A 365 -8.45 32.84 -25.39
CA TYR A 365 -7.58 31.95 -24.64
C TYR A 365 -7.29 30.63 -25.35
N TRP A 366 -8.25 30.14 -26.13
CA TRP A 366 -8.10 28.84 -26.78
C TRP A 366 -8.65 28.77 -28.20
N ALA A 367 -8.87 29.92 -28.83
CA ALA A 367 -9.39 29.96 -30.20
C ALA A 367 -8.47 29.22 -31.17
N ASP A 368 -7.19 29.55 -31.13
CA ASP A 368 -6.21 28.96 -32.04
C ASP A 368 -6.02 27.48 -31.74
N THR A 369 -6.08 27.12 -30.46
CA THR A 369 -5.97 25.72 -30.05
C THR A 369 -7.17 24.91 -30.56
N VAL A 370 -8.36 25.47 -30.44
CA VAL A 370 -9.58 24.81 -30.86
C VAL A 370 -9.66 24.70 -32.39
N LYS A 371 -9.34 25.79 -33.08
CA LYS A 371 -9.33 25.81 -34.54
C LYS A 371 -8.42 24.73 -35.11
N ARG A 372 -7.24 24.58 -34.53
CA ARG A 372 -6.28 23.56 -34.98
C ARG A 372 -6.86 22.16 -34.78
N LEU A 373 -7.55 21.98 -33.65
CA LEU A 373 -8.14 20.68 -33.32
C LEU A 373 -9.25 20.34 -34.30
N LEU A 374 -9.96 21.37 -34.77
CA LEU A 374 -11.03 21.18 -35.74
C LEU A 374 -10.48 20.86 -37.12
N ALA A 375 -9.24 21.30 -37.37
CA ALA A 375 -8.57 21.05 -38.64
C ALA A 375 -7.92 19.66 -38.59
N GLU A 376 -7.24 19.39 -37.49
CA GLU A 376 -6.61 18.10 -37.25
C GLU A 376 -7.65 17.00 -37.08
N GLY A 377 -8.82 17.38 -36.56
CA GLY A 377 -9.87 16.41 -36.28
C GLY A 377 -9.94 16.07 -34.80
N ILE A 378 -11.15 16.09 -34.25
CA ILE A 378 -11.32 15.81 -32.82
C ILE A 378 -11.00 14.35 -32.50
N ASN A 379 -10.44 14.13 -31.33
CA ASN A 379 -10.21 12.77 -30.83
C ASN A 379 -11.44 12.26 -30.10
N ARG A 380 -11.62 10.93 -30.11
CA ARG A 380 -12.71 10.32 -29.37
C ARG A 380 -12.42 10.43 -27.88
N PRO A 381 -13.40 10.93 -27.10
CA PRO A 381 -13.24 11.00 -25.65
C PRO A 381 -13.08 9.63 -25.05
N ARG A 382 -12.38 9.53 -23.92
CA ARG A 382 -12.25 8.25 -23.23
C ARG A 382 -13.60 7.74 -22.81
N LYS A 383 -13.80 6.43 -22.94
CA LYS A 383 -15.01 5.81 -22.42
C LYS A 383 -14.95 5.91 -20.90
N GLY A 384 -15.99 6.46 -20.29
CA GLY A 384 -16.01 6.62 -18.85
C GLY A 384 -17.13 5.80 -18.25
N HIS A 385 -17.72 6.31 -17.17
CA HIS A 385 -18.82 5.63 -16.52
C HIS A 385 -20.14 6.34 -16.80
N ASP A 386 -21.18 5.58 -17.12
CA ASP A 386 -22.49 6.13 -17.35
C ASP A 386 -23.41 5.77 -16.19
N ALA A 387 -23.60 6.72 -15.28
CA ALA A 387 -24.40 6.50 -14.08
C ALA A 387 -25.89 6.59 -14.37
N GLY A 388 -26.24 6.93 -15.61
CA GLY A 388 -27.62 7.03 -16.02
C GLY A 388 -28.40 8.14 -15.35
N ASP A 389 -27.72 9.22 -14.99
CA ASP A 389 -28.40 10.37 -14.39
C ASP A 389 -28.39 11.56 -15.34
N HIS A 390 -27.19 12.05 -15.66
CA HIS A 390 -27.01 13.21 -16.52
C HIS A 390 -25.74 13.02 -17.33
N PRO A 391 -25.53 13.86 -18.36
CA PRO A 391 -24.22 13.84 -19.01
C PRO A 391 -23.16 14.40 -18.07
N PRO A 392 -21.87 14.25 -18.43
CA PRO A 392 -20.82 14.91 -17.66
C PRO A 392 -20.99 16.43 -17.69
N ILE A 393 -20.42 17.14 -16.72
CA ILE A 393 -20.53 18.58 -16.66
C ILE A 393 -19.81 19.22 -17.85
N THR A 394 -20.58 19.69 -18.83
CA THR A 394 -20.03 20.17 -20.09
C THR A 394 -20.51 21.59 -20.40
N PRO A 395 -19.63 22.40 -21.02
CA PRO A 395 -20.08 23.71 -21.50
C PRO A 395 -21.15 23.54 -22.57
N MET A 396 -22.21 24.33 -22.50
CA MET A 396 -23.31 24.23 -23.45
C MET A 396 -23.42 25.50 -24.27
N LYS A 397 -22.59 26.48 -23.93
CA LYS A 397 -22.64 27.78 -24.56
C LYS A 397 -21.33 28.53 -24.34
N SER A 398 -20.93 29.35 -25.32
CA SER A 398 -19.70 30.12 -25.19
C SER A 398 -19.91 31.25 -24.19
N ALA A 399 -18.82 31.70 -23.57
CA ALA A 399 -18.91 32.73 -22.55
C ALA A 399 -17.61 33.52 -22.40
N THR A 400 -17.71 34.71 -21.83
CA THR A 400 -16.53 35.50 -21.49
C THR A 400 -16.58 35.87 -20.01
N GLU A 401 -15.51 36.47 -19.50
CA GLU A 401 -15.45 36.84 -18.09
C GLU A 401 -16.30 38.08 -17.81
N ALA A 402 -16.67 38.78 -18.87
CA ALA A 402 -17.54 39.95 -18.77
C ALA A 402 -18.99 39.53 -18.48
N GLU A 403 -19.40 38.43 -19.08
CA GLU A 403 -20.75 37.90 -18.92
C GLU A 403 -20.95 37.20 -17.59
N LEU A 404 -19.93 36.50 -17.12
CA LEU A 404 -20.08 35.63 -15.95
C LEU A 404 -19.62 36.25 -14.63
N GLY A 405 -18.55 37.05 -14.71
CA GLY A 405 -17.98 37.63 -13.51
C GLY A 405 -16.98 36.68 -12.90
N GLY A 406 -16.29 37.15 -11.86
CA GLY A 406 -15.23 36.41 -11.19
C GLY A 406 -15.34 34.92 -10.97
N ASP A 407 -16.19 34.51 -10.03
CA ASP A 407 -16.32 33.10 -9.67
C ASP A 407 -16.90 32.24 -10.79
N ALA A 408 -17.90 32.76 -11.47
CA ALA A 408 -18.57 32.02 -12.53
C ALA A 408 -17.65 31.75 -13.70
N TRP A 409 -16.83 32.73 -14.05
CA TRP A 409 -15.88 32.56 -15.14
C TRP A 409 -14.78 31.56 -14.81
N ARG A 410 -14.18 31.71 -13.64
CA ARG A 410 -13.09 30.84 -13.22
C ARG A 410 -13.51 29.37 -13.23
N LEU A 411 -14.73 29.11 -12.78
CA LEU A 411 -15.27 27.75 -12.79
C LEU A 411 -15.58 27.31 -14.23
N TYR A 412 -16.15 28.22 -15.01
CA TYR A 412 -16.49 27.93 -16.39
C TYR A 412 -15.24 27.66 -17.22
N GLU A 413 -14.19 28.43 -16.97
CA GLU A 413 -12.95 28.25 -17.71
C GLU A 413 -12.38 26.86 -17.49
N TYR A 414 -12.41 26.38 -16.24
CA TYR A 414 -11.91 25.03 -15.99
C TYR A 414 -12.79 23.99 -16.67
N ILE A 415 -14.10 24.12 -16.50
CA ILE A 415 -15.05 23.18 -17.11
C ILE A 415 -14.86 23.14 -18.62
N THR A 416 -14.61 24.30 -19.22
CA THR A 416 -14.39 24.39 -20.66
C THR A 416 -13.04 23.79 -21.07
N ARG A 417 -11.97 24.22 -20.40
CA ARG A 417 -10.64 23.68 -20.67
C ARG A 417 -10.59 22.17 -20.46
N HIS A 418 -11.26 21.71 -19.41
CA HIS A 418 -11.33 20.29 -19.11
C HIS A 418 -12.02 19.56 -20.26
N PHE A 419 -13.10 20.15 -20.76
CA PHE A 419 -13.86 19.58 -21.86
C PHE A 419 -13.03 19.45 -23.14
N ILE A 420 -12.39 20.54 -23.53
CA ILE A 420 -11.53 20.58 -24.71
C ILE A 420 -10.45 19.50 -24.63
N ALA A 421 -9.97 19.25 -23.41
CA ALA A 421 -8.95 18.23 -23.19
C ALA A 421 -9.49 16.82 -23.45
N THR A 422 -10.72 16.58 -23.01
CA THR A 422 -11.34 15.27 -23.17
C THR A 422 -11.49 14.88 -24.63
N VAL A 423 -11.53 15.89 -25.50
CA VAL A 423 -11.73 15.67 -26.92
C VAL A 423 -10.42 15.91 -27.68
N SER A 424 -9.40 16.32 -26.93
CA SER A 424 -8.05 16.46 -27.49
C SER A 424 -7.34 15.11 -27.52
N HIS A 425 -6.06 15.12 -27.88
CA HIS A 425 -5.27 13.90 -27.90
C HIS A 425 -4.49 13.73 -26.61
N ASP A 426 -4.13 12.49 -26.30
CA ASP A 426 -3.28 12.20 -25.15
C ASP A 426 -1.93 12.87 -25.31
N CYS A 427 -1.25 13.09 -24.20
CA CYS A 427 0.11 13.62 -24.26
C CYS A 427 1.05 12.45 -24.48
N LYS A 428 1.84 12.54 -25.55
CA LYS A 428 2.77 11.47 -25.88
C LYS A 428 4.18 11.89 -25.51
N TYR A 429 4.86 11.04 -24.76
CA TYR A 429 6.21 11.36 -24.31
C TYR A 429 7.10 10.13 -24.29
N LEU A 430 8.40 10.37 -24.25
CA LEU A 430 9.39 9.30 -24.22
C LEU A 430 9.90 9.08 -22.80
N GLN A 431 9.77 7.86 -22.31
CA GLN A 431 10.31 7.51 -21.01
C GLN A 431 11.64 6.80 -21.19
N SER A 432 12.74 7.46 -20.82
CA SER A 432 14.06 6.89 -20.99
C SER A 432 14.69 6.53 -19.65
N THR A 433 15.47 5.45 -19.64
CA THR A 433 16.16 4.99 -18.43
C THR A 433 17.53 4.44 -18.78
N ILE A 434 18.49 4.65 -17.89
CA ILE A 434 19.81 4.05 -18.01
C ILE A 434 20.15 3.36 -16.71
N SER A 435 20.61 2.12 -16.78
CA SER A 435 20.97 1.37 -15.60
C SER A 435 22.48 1.29 -15.43
N PHE A 436 22.97 1.77 -14.28
CA PHE A 436 24.39 1.78 -13.99
C PHE A 436 24.71 0.80 -12.88
N ARG A 437 25.83 0.11 -13.01
CA ARG A 437 26.29 -0.74 -11.92
C ARG A 437 27.50 -0.08 -11.25
N ILE A 438 27.39 0.18 -9.95
CA ILE A 438 28.52 0.69 -9.18
C ILE A 438 28.82 -0.25 -8.03
N GLY A 439 29.95 -0.96 -8.14
CA GLY A 439 30.23 -2.05 -7.23
C GLY A 439 29.12 -3.07 -7.39
N PRO A 440 28.57 -3.55 -6.28
CA PRO A 440 27.44 -4.48 -6.30
C PRO A 440 26.10 -3.78 -6.51
N GLU A 441 26.06 -2.47 -6.31
CA GLU A 441 24.80 -1.73 -6.28
C GLU A 441 24.31 -1.23 -7.64
N LEU A 442 22.99 -1.24 -7.81
CA LEU A 442 22.36 -0.77 -9.04
C LEU A 442 21.83 0.65 -8.90
N PHE A 443 22.03 1.46 -9.95
CA PHE A 443 21.52 2.82 -9.98
C PHE A 443 20.85 3.10 -11.31
N THR A 444 19.86 3.99 -11.30
CA THR A 444 19.18 4.39 -12.53
C THR A 444 19.04 5.90 -12.63
N CYS A 445 19.01 6.41 -13.86
CA CYS A 445 18.65 7.79 -14.10
C CYS A 445 17.55 7.79 -15.16
N SER A 446 16.51 8.57 -14.91
CA SER A 446 15.34 8.59 -15.79
C SER A 446 15.08 9.98 -16.34
N GLY A 447 14.38 10.04 -17.48
CA GLY A 447 14.06 11.31 -18.11
C GLY A 447 12.87 11.20 -19.05
N LYS A 448 12.07 12.25 -19.10
CA LYS A 448 10.92 12.28 -19.99
C LYS A 448 11.10 13.33 -21.08
N THR A 449 10.75 12.96 -22.30
CA THR A 449 10.78 13.90 -23.42
C THR A 449 9.41 13.95 -24.08
N VAL A 450 8.82 15.13 -24.14
CA VAL A 450 7.51 15.29 -24.75
C VAL A 450 7.60 15.16 -26.26
N LEU A 451 6.77 14.29 -26.83
CA LEU A 451 6.68 14.15 -28.27
C LEU A 451 5.58 15.06 -28.82
N SER A 452 4.38 14.89 -28.28
CA SER A 452 3.25 15.75 -28.63
C SER A 452 2.50 16.14 -27.36
N PRO A 453 2.29 17.45 -27.15
CA PRO A 453 1.67 18.00 -25.94
C PRO A 453 0.25 17.48 -25.73
N GLY A 454 -0.49 17.29 -26.81
CA GLY A 454 -1.88 16.86 -26.72
C GLY A 454 -2.74 17.79 -25.90
N PHE A 455 -3.53 17.21 -24.99
CA PHE A 455 -4.47 17.97 -24.17
C PHE A 455 -3.79 18.94 -23.21
N THR A 456 -2.51 18.70 -22.92
CA THR A 456 -1.78 19.53 -21.96
C THR A 456 -1.52 20.93 -22.49
N GLU A 457 -1.89 21.18 -23.75
CA GLU A 457 -1.85 22.53 -24.29
C GLU A 457 -2.96 23.38 -23.69
N VAL A 458 -4.16 22.82 -23.61
CA VAL A 458 -5.31 23.53 -23.07
C VAL A 458 -5.38 23.35 -21.55
N MET A 459 -4.65 22.35 -21.04
CA MET A 459 -4.48 22.16 -19.60
C MET A 459 -2.99 22.16 -19.25
N PRO A 460 -2.35 23.34 -19.28
CA PRO A 460 -0.90 23.49 -19.10
C PRO A 460 -0.38 22.98 -17.75
N TRP A 461 -1.25 22.90 -16.74
CA TRP A 461 -0.84 22.47 -15.42
C TRP A 461 -0.56 20.96 -15.36
N GLN A 462 -1.03 20.23 -16.36
CA GLN A 462 -0.79 18.79 -16.43
C GLN A 462 0.36 18.45 -17.39
N SER A 463 1.04 19.46 -17.90
CA SER A 463 2.14 19.24 -18.84
C SER A 463 3.29 18.45 -18.21
N VAL A 464 4.06 17.77 -19.05
CA VAL A 464 5.25 17.08 -18.61
C VAL A 464 6.40 18.06 -18.46
N PRO A 465 7.02 18.10 -17.26
CA PRO A 465 8.12 19.02 -16.97
C PRO A 465 9.32 18.81 -17.89
N LEU A 466 9.92 19.90 -18.36
CA LEU A 466 11.06 19.81 -19.27
C LEU A 466 12.30 19.37 -18.53
N GLU A 467 12.84 18.23 -18.94
CA GLU A 467 14.08 17.72 -18.39
C GLU A 467 15.06 17.50 -19.54
N GLU A 468 16.35 17.58 -19.24
CA GLU A 468 17.36 17.33 -20.26
C GLU A 468 17.34 15.87 -20.67
N SER A 469 17.43 15.63 -21.98
CA SER A 469 17.41 14.27 -22.48
C SER A 469 18.57 13.47 -21.93
N LEU A 470 18.34 12.19 -21.63
CA LEU A 470 19.39 11.32 -21.15
C LEU A 470 20.40 11.06 -22.26
N PRO A 471 21.69 11.01 -21.90
CA PRO A 471 22.74 10.77 -22.90
C PRO A 471 22.58 9.42 -23.56
N THR A 472 22.82 9.35 -24.86
CA THR A 472 22.78 8.07 -25.56
C THR A 472 24.04 7.28 -25.22
N CYS A 473 23.85 6.02 -24.85
CA CYS A 473 24.97 5.16 -24.47
C CYS A 473 24.60 3.70 -24.65
N GLN A 474 25.61 2.84 -24.51
CA GLN A 474 25.44 1.43 -24.83
C GLN A 474 25.74 0.55 -23.62
N ARG A 475 25.10 -0.61 -23.55
CA ARG A 475 25.42 -1.58 -22.51
C ARG A 475 26.89 -1.95 -22.59
N GLY A 476 27.60 -1.79 -21.49
CA GLY A 476 29.02 -2.08 -21.46
C GLY A 476 29.86 -0.82 -21.35
N ASP A 477 29.28 0.32 -21.70
CA ASP A 477 29.97 1.60 -21.57
C ASP A 477 30.25 1.86 -20.10
N ALA A 478 31.29 2.65 -19.83
CA ALA A 478 31.67 2.94 -18.46
C ALA A 478 31.83 4.43 -18.23
N PHE A 479 31.30 4.91 -17.11
CA PHE A 479 31.41 6.30 -16.75
C PHE A 479 32.14 6.46 -15.43
N PRO A 480 33.01 7.48 -15.33
CA PRO A 480 33.69 7.79 -14.08
C PRO A 480 32.71 8.23 -12.99
N VAL A 481 32.79 7.61 -11.83
CA VAL A 481 31.97 8.02 -10.70
C VAL A 481 32.51 9.31 -10.11
N GLY A 482 31.70 10.37 -10.17
CA GLY A 482 32.13 11.68 -9.71
C GLY A 482 31.98 11.87 -8.22
N GLU A 483 30.96 11.23 -7.64
CA GLU A 483 30.63 11.38 -6.23
C GLU A 483 29.67 10.29 -5.77
N VAL A 484 29.91 9.78 -4.56
CA VAL A 484 28.97 8.87 -3.91
C VAL A 484 28.68 9.35 -2.51
N LYS A 485 27.45 9.76 -2.27
CA LYS A 485 27.05 10.24 -0.96
C LYS A 485 25.82 9.50 -0.47
N MET A 486 25.61 9.53 0.84
CA MET A 486 24.42 8.94 1.43
C MET A 486 23.66 9.97 2.23
N LEU A 487 22.41 10.21 1.84
CA LEU A 487 21.59 11.19 2.52
C LEU A 487 20.87 10.55 3.70
N GLU A 488 20.98 11.19 4.86
CA GLU A 488 20.21 10.79 6.03
C GLU A 488 19.01 11.72 6.15
N LYS A 489 17.81 11.14 6.13
CA LYS A 489 16.60 11.95 6.13
C LYS A 489 15.60 11.47 7.17
N GLN A 490 14.47 12.18 7.25
CA GLN A 490 13.43 11.88 8.23
C GLN A 490 12.05 11.86 7.58
N THR A 491 11.25 10.86 7.92
CA THR A 491 9.89 10.77 7.38
C THR A 491 9.05 11.91 7.94
N ASN A 492 8.12 12.41 7.13
CA ASN A 492 7.31 13.56 7.52
C ASN A 492 5.89 13.18 7.87
N PRO A 493 5.29 13.89 8.83
CA PRO A 493 3.88 13.63 9.18
C PRO A 493 2.94 14.10 8.08
N PRO A 494 1.74 13.49 8.02
CA PRO A 494 0.70 13.97 7.10
C PRO A 494 0.19 15.36 7.49
N ASP A 495 -0.45 16.05 6.55
CA ASP A 495 -1.10 17.31 6.86
C ASP A 495 -2.58 17.07 7.09
N TYR A 496 -3.30 18.08 7.60
CA TYR A 496 -4.74 17.96 7.78
C TYR A 496 -5.42 17.72 6.45
N LEU A 497 -6.58 17.07 6.48
CA LEU A 497 -7.32 16.75 5.27
C LEU A 497 -7.66 17.99 4.46
N THR A 498 -7.34 17.96 3.17
CA THR A 498 -7.84 18.97 2.26
C THR A 498 -9.30 18.65 2.01
N GLU A 499 -10.06 19.64 1.51
CA GLU A 499 -11.46 19.40 1.17
C GLU A 499 -11.56 18.31 0.10
N ALA A 500 -10.60 18.29 -0.81
CA ALA A 500 -10.55 17.29 -1.87
C ALA A 500 -10.38 15.88 -1.32
N GLU A 501 -9.49 15.73 -0.33
CA GLU A 501 -9.28 14.44 0.30
C GLU A 501 -10.52 13.98 1.07
N LEU A 502 -11.21 14.92 1.71
CA LEU A 502 -12.43 14.59 2.43
C LEU A 502 -13.52 14.14 1.47
N ILE A 503 -13.64 14.84 0.34
CA ILE A 503 -14.59 14.48 -0.70
C ILE A 503 -14.33 13.06 -1.19
N THR A 504 -13.07 12.75 -1.44
CA THR A 504 -12.67 11.42 -1.89
C THR A 504 -12.98 10.37 -0.83
N LEU A 505 -12.74 10.71 0.43
CA LEU A 505 -13.02 9.83 1.55
C LEU A 505 -14.52 9.53 1.67
N MET A 506 -15.34 10.57 1.55
CA MET A 506 -16.78 10.42 1.67
C MET A 506 -17.34 9.58 0.54
N GLU A 507 -16.84 9.82 -0.67
CA GLU A 507 -17.22 9.03 -1.84
C GLU A 507 -16.79 7.58 -1.66
N LYS A 508 -15.56 7.38 -1.21
CA LYS A 508 -15.01 6.05 -1.00
C LYS A 508 -15.81 5.24 0.01
N HIS A 509 -16.20 5.87 1.11
CA HIS A 509 -16.93 5.17 2.17
C HIS A 509 -18.44 5.23 1.97
N GLY A 510 -18.87 5.85 0.88
CA GLY A 510 -20.26 5.80 0.49
C GLY A 510 -21.21 6.65 1.32
N ILE A 511 -20.72 7.77 1.83
CA ILE A 511 -21.58 8.70 2.55
C ILE A 511 -21.62 10.04 1.81
N GLY A 512 -22.71 10.78 1.99
CA GLY A 512 -22.90 12.03 1.30
C GLY A 512 -23.22 11.81 -0.17
N THR A 513 -23.87 10.67 -0.46
CA THR A 513 -24.23 10.35 -1.83
C THR A 513 -25.33 11.27 -2.35
N ASP A 514 -25.63 11.15 -3.64
CA ASP A 514 -26.56 12.05 -4.32
C ASP A 514 -26.16 13.51 -4.14
N ALA A 515 -24.86 13.78 -4.30
CA ALA A 515 -24.31 15.13 -4.29
C ALA A 515 -24.59 15.92 -3.02
N SER A 516 -24.77 15.23 -1.89
CA SER A 516 -25.02 15.91 -0.63
C SER A 516 -23.71 16.19 0.10
N ILE A 517 -22.60 15.70 -0.47
CA ILE A 517 -21.27 15.91 0.09
C ILE A 517 -20.93 17.38 0.41
N PRO A 518 -21.19 18.32 -0.53
CA PRO A 518 -20.83 19.71 -0.19
C PRO A 518 -21.66 20.29 0.97
N VAL A 519 -22.88 19.82 1.13
CA VAL A 519 -23.73 20.27 2.22
C VAL A 519 -23.16 19.87 3.58
N HIS A 520 -22.77 18.61 3.70
CA HIS A 520 -22.21 18.08 4.94
C HIS A 520 -20.87 18.72 5.29
N ILE A 521 -20.02 18.91 4.29
CA ILE A 521 -18.71 19.52 4.50
C ILE A 521 -18.85 20.97 4.95
N ASN A 522 -19.73 21.71 4.28
CA ASN A 522 -20.02 23.09 4.66
C ASN A 522 -20.64 23.17 6.04
N ASN A 523 -21.39 22.13 6.40
CA ASN A 523 -22.07 22.08 7.69
C ASN A 523 -21.09 22.05 8.86
N ILE A 524 -20.10 21.17 8.79
CA ILE A 524 -19.14 21.05 9.88
C ILE A 524 -18.20 22.27 9.93
N CYS A 525 -18.13 22.99 8.82
CA CYS A 525 -17.37 24.24 8.77
C CYS A 525 -18.18 25.37 9.39
N GLN A 526 -19.46 25.43 9.05
CA GLN A 526 -20.37 26.45 9.55
C GLN A 526 -20.55 26.34 11.07
N ARG A 527 -20.52 25.12 11.58
CA ARG A 527 -20.67 24.89 13.02
C ARG A 527 -19.36 25.07 13.76
N ASN A 528 -18.33 25.48 13.03
CA ASN A 528 -17.00 25.74 13.59
C ASN A 528 -16.43 24.50 14.29
N TYR A 529 -16.63 23.35 13.67
CA TYR A 529 -15.99 22.11 14.13
C TYR A 529 -14.65 21.95 13.44
N VAL A 530 -14.52 22.57 12.28
CA VAL A 530 -13.24 22.68 11.59
C VAL A 530 -13.07 24.10 11.07
N THR A 531 -11.81 24.49 10.86
CA THR A 531 -11.52 25.77 10.22
C THR A 531 -10.82 25.51 8.89
N VAL A 532 -11.10 26.36 7.91
CA VAL A 532 -10.44 26.24 6.62
C VAL A 532 -9.09 26.94 6.65
N GLU A 533 -8.02 26.16 6.61
CA GLU A 533 -6.66 26.71 6.64
C GLU A 533 -6.10 26.76 5.22
N SER A 534 -4.88 27.29 5.10
CA SER A 534 -4.23 27.45 3.79
C SER A 534 -4.15 26.12 3.03
N GLY A 535 -4.47 26.18 1.74
CA GLY A 535 -4.53 25.00 0.91
C GLY A 535 -5.87 24.30 1.09
N ARG A 536 -6.83 25.05 1.64
CA ARG A 536 -8.17 24.53 1.95
C ARG A 536 -8.10 23.23 2.75
N ARG A 537 -7.29 23.27 3.81
CA ARG A 537 -7.17 22.15 4.73
C ARG A 537 -8.18 22.31 5.85
N LEU A 538 -8.73 21.19 6.32
CA LEU A 538 -9.75 21.24 7.36
C LEU A 538 -9.17 20.84 8.71
N LYS A 539 -8.83 21.86 9.51
CA LYS A 539 -8.24 21.64 10.82
C LYS A 539 -9.32 21.62 11.89
N PRO A 540 -9.49 20.48 12.56
CA PRO A 540 -10.49 20.33 13.62
C PRO A 540 -10.28 21.33 14.74
N THR A 541 -11.36 21.99 15.16
CA THR A 541 -11.28 22.90 16.29
C THR A 541 -11.27 22.09 17.58
N ASN A 542 -11.09 22.77 18.71
CA ASN A 542 -11.05 22.10 20.00
C ASN A 542 -12.35 21.35 20.28
N LEU A 543 -13.47 22.02 20.03
CA LEU A 543 -14.79 21.43 20.26
C LEU A 543 -15.04 20.22 19.35
N GLY A 544 -14.66 20.35 18.08
CA GLY A 544 -14.85 19.28 17.11
C GLY A 544 -14.09 18.02 17.52
N ILE A 545 -12.86 18.22 18.00
CA ILE A 545 -12.03 17.12 18.46
C ILE A 545 -12.67 16.45 19.68
N VAL A 546 -13.06 17.26 20.65
CA VAL A 546 -13.70 16.77 21.87
C VAL A 546 -14.97 15.97 21.55
N LEU A 547 -15.79 16.50 20.64
CA LEU A 547 -17.04 15.86 20.26
C LEU A 547 -16.82 14.46 19.65
N VAL A 548 -15.93 14.38 18.67
CA VAL A 548 -15.65 13.11 18.00
C VAL A 548 -15.07 12.09 18.97
N HIS A 549 -14.12 12.53 19.78
CA HIS A 549 -13.54 11.68 20.81
C HIS A 549 -14.59 11.21 21.80
N GLY A 550 -15.50 12.11 22.17
CA GLY A 550 -16.58 11.77 23.07
C GLY A 550 -17.52 10.74 22.48
N TYR A 551 -17.95 10.97 21.24
CA TYR A 551 -18.84 10.03 20.55
C TYR A 551 -18.18 8.67 20.39
N TYR A 552 -16.89 8.68 20.07
CA TYR A 552 -16.15 7.46 19.83
C TYR A 552 -15.99 6.60 21.08
N LYS A 553 -15.74 7.25 22.21
CA LYS A 553 -15.58 6.53 23.47
C LYS A 553 -16.87 5.82 23.87
N ILE A 554 -17.99 6.48 23.59
CA ILE A 554 -19.30 5.92 23.89
C ILE A 554 -19.70 4.85 22.88
N ASP A 555 -19.63 5.20 21.60
CA ASP A 555 -20.03 4.29 20.54
C ASP A 555 -19.33 4.67 19.23
N ALA A 556 -18.38 3.84 18.81
CA ALA A 556 -17.58 4.11 17.62
C ALA A 556 -18.44 4.19 16.36
N GLU A 557 -19.55 3.46 16.34
CA GLU A 557 -20.43 3.43 15.18
C GLU A 557 -21.12 4.77 14.94
N LEU A 558 -21.07 5.64 15.94
CA LEU A 558 -21.60 7.00 15.80
C LEU A 558 -20.67 7.86 14.95
N VAL A 559 -19.39 7.48 14.90
CA VAL A 559 -18.37 8.27 14.20
C VAL A 559 -17.94 7.60 12.91
N LEU A 560 -17.78 6.28 12.94
CA LEU A 560 -17.43 5.53 11.74
C LEU A 560 -18.53 5.66 10.69
N PRO A 561 -18.15 5.78 9.41
CA PRO A 561 -19.11 6.01 8.33
C PRO A 561 -19.92 4.76 7.98
N THR A 562 -19.60 3.64 8.63
CA THR A 562 -20.20 2.35 8.31
C THR A 562 -21.73 2.36 8.33
N ILE A 563 -22.31 2.78 9.44
CA ILE A 563 -23.76 2.81 9.59
C ILE A 563 -24.42 3.74 8.57
N ARG A 564 -23.91 4.95 8.48
CA ARG A 564 -24.43 5.95 7.55
C ARG A 564 -24.40 5.46 6.11
N SER A 565 -23.32 4.77 5.75
CA SER A 565 -23.16 4.24 4.39
C SER A 565 -24.24 3.23 4.03
N ALA A 566 -24.56 2.35 4.98
CA ALA A 566 -25.59 1.34 4.78
C ALA A 566 -26.97 1.98 4.68
N VAL A 567 -27.22 2.98 5.52
CA VAL A 567 -28.48 3.70 5.51
C VAL A 567 -28.71 4.37 4.16
N GLU A 568 -27.69 5.03 3.64
CA GLU A 568 -27.78 5.71 2.35
C GLU A 568 -28.02 4.73 1.22
N LYS A 569 -27.46 3.53 1.34
CA LYS A 569 -27.69 2.48 0.35
C LYS A 569 -29.15 2.03 0.42
N GLN A 570 -29.69 1.97 1.63
CA GLN A 570 -31.09 1.65 1.83
C GLN A 570 -31.99 2.74 1.25
N LEU A 571 -31.59 4.00 1.46
CA LEU A 571 -32.33 5.14 0.93
C LEU A 571 -32.35 5.13 -0.59
N ASN A 572 -31.22 4.73 -1.19
CA ASN A 572 -31.13 4.64 -2.64
C ASN A 572 -32.02 3.52 -3.17
N LEU A 573 -32.15 2.45 -2.39
CA LEU A 573 -33.00 1.33 -2.77
C LEU A 573 -34.48 1.74 -2.76
N ILE A 574 -34.84 2.62 -1.83
CA ILE A 574 -36.18 3.20 -1.82
C ILE A 574 -36.42 3.95 -3.13
N ALA A 575 -35.42 4.72 -3.55
CA ALA A 575 -35.48 5.48 -4.79
C ALA A 575 -35.65 4.58 -6.01
N GLN A 576 -35.13 3.36 -5.92
CA GLN A 576 -35.20 2.41 -7.03
C GLN A 576 -36.43 1.52 -6.93
N GLY A 577 -37.16 1.66 -5.83
CA GLY A 577 -38.34 0.84 -5.60
C GLY A 577 -37.97 -0.57 -5.17
N LYS A 578 -36.76 -0.73 -4.66
CA LYS A 578 -36.26 -2.04 -4.26
C LYS A 578 -36.23 -2.19 -2.73
N ALA A 579 -36.68 -1.14 -2.04
CA ALA A 579 -36.84 -1.19 -0.59
C ALA A 579 -38.10 -0.44 -0.19
N ASP A 580 -38.64 -0.77 0.98
CA ASP A 580 -39.89 -0.17 1.44
C ASP A 580 -39.66 1.09 2.28
N TYR A 581 -40.34 2.16 1.89
CA TYR A 581 -40.24 3.47 2.55
C TYR A 581 -40.42 3.40 4.06
N ARG A 582 -41.56 2.90 4.52
CA ARG A 582 -41.87 2.88 5.95
C ARG A 582 -40.98 1.93 6.73
N GLN A 583 -40.58 0.83 6.12
CA GLN A 583 -39.76 -0.17 6.80
C GLN A 583 -38.34 0.34 7.04
N VAL A 584 -37.79 1.06 6.06
CA VAL A 584 -36.46 1.65 6.21
C VAL A 584 -36.47 2.72 7.30
N LEU A 585 -37.53 3.54 7.30
CA LEU A 585 -37.73 4.52 8.35
C LEU A 585 -37.79 3.86 9.72
N GLY A 586 -38.66 2.89 9.87
CA GLY A 586 -38.88 2.22 11.15
C GLY A 586 -37.63 1.53 11.70
N HIS A 587 -36.97 0.76 10.84
CA HIS A 587 -35.78 0.02 11.26
C HIS A 587 -34.64 0.93 11.68
N THR A 588 -34.35 1.93 10.85
CA THR A 588 -33.26 2.88 11.11
C THR A 588 -33.50 3.64 12.41
N LEU A 589 -34.73 4.12 12.60
CA LEU A 589 -35.09 4.88 13.79
C LEU A 589 -34.99 4.01 15.05
N ASP A 590 -35.31 2.74 14.93
CA ASP A 590 -35.18 1.80 16.04
C ASP A 590 -33.72 1.63 16.43
N VAL A 591 -32.86 1.46 15.43
CA VAL A 591 -31.43 1.29 15.65
C VAL A 591 -30.83 2.47 16.42
N PHE A 592 -31.17 3.68 16.00
CA PHE A 592 -30.60 4.88 16.60
C PHE A 592 -31.29 5.28 17.90
N LYS A 593 -32.53 4.84 18.08
CA LYS A 593 -33.21 5.02 19.37
C LYS A 593 -32.49 4.20 20.44
N ARG A 594 -32.11 2.98 20.08
CA ARG A 594 -31.36 2.10 20.97
C ARG A 594 -30.01 2.70 21.32
N LYS A 595 -29.34 3.25 20.31
CA LYS A 595 -28.05 3.89 20.51
C LYS A 595 -28.19 5.14 21.37
N PHE A 596 -29.31 5.85 21.20
CA PHE A 596 -29.58 7.05 21.98
C PHE A 596 -29.66 6.75 23.47
N HIS A 597 -30.43 5.74 23.83
CA HIS A 597 -30.60 5.35 25.23
C HIS A 597 -29.26 4.90 25.81
N TYR A 598 -28.47 4.19 25.01
CA TYR A 598 -27.13 3.82 25.42
C TYR A 598 -26.25 5.06 25.55
N PHE A 599 -26.41 5.99 24.61
CA PHE A 599 -25.68 7.26 24.63
C PHE A 599 -25.95 8.05 25.92
N VAL A 600 -27.23 8.20 26.25
CA VAL A 600 -27.65 8.93 27.45
C VAL A 600 -27.12 8.28 28.72
N ASP A 601 -27.19 6.95 28.77
CA ASP A 601 -26.65 6.20 29.91
C ASP A 601 -25.15 6.38 30.03
N SER A 602 -24.47 6.45 28.89
CA SER A 602 -23.02 6.52 28.86
C SER A 602 -22.52 7.94 28.56
N ILE A 603 -23.32 8.93 28.96
CA ILE A 603 -23.01 10.33 28.66
C ILE A 603 -21.70 10.79 29.33
N ALA A 604 -21.31 10.09 30.39
CA ALA A 604 -20.07 10.41 31.10
C ALA A 604 -18.85 10.42 30.17
N GLY A 605 -18.87 9.55 29.17
CA GLY A 605 -17.82 9.51 28.16
C GLY A 605 -17.66 10.84 27.45
N MET A 606 -18.77 11.56 27.32
CA MET A 606 -18.75 12.88 26.71
C MET A 606 -18.52 13.96 27.76
N ASP A 607 -19.18 13.80 28.91
CA ASP A 607 -19.12 14.78 29.98
C ASP A 607 -17.71 14.99 30.51
N GLU A 608 -16.98 13.89 30.72
CA GLU A 608 -15.62 13.95 31.25
C GLU A 608 -14.70 14.78 30.35
N LEU A 609 -14.79 14.57 29.05
CA LEU A 609 -13.98 15.32 28.11
C LEU A 609 -14.40 16.79 28.09
N MET A 610 -15.70 17.03 28.26
CA MET A 610 -16.24 18.38 28.27
C MET A 610 -15.80 19.15 29.51
N GLU A 611 -15.80 18.46 30.65
CA GLU A 611 -15.39 19.06 31.92
C GLU A 611 -13.93 19.52 31.87
N VAL A 612 -13.05 18.62 31.44
CA VAL A 612 -11.62 18.92 31.33
C VAL A 612 -11.34 20.09 30.40
N SER A 613 -11.95 20.06 29.22
CA SER A 613 -11.65 21.06 28.19
C SER A 613 -12.28 22.42 28.48
N PHE A 614 -13.44 22.43 29.13
CA PHE A 614 -14.18 23.67 29.33
C PHE A 614 -14.47 23.94 30.81
N SER A 615 -13.55 23.52 31.67
CA SER A 615 -13.63 23.75 33.12
C SER A 615 -14.85 23.07 33.71
N MET B 4 -4.05 1.34 42.75
CA MET B 4 -4.10 0.63 41.48
C MET B 4 -2.69 0.24 41.04
N LYS B 5 -2.48 -1.06 40.80
CA LYS B 5 -1.16 -1.57 40.45
C LYS B 5 -0.76 -1.23 39.01
N THR B 6 0.54 -1.11 38.79
CA THR B 6 1.08 -0.80 37.47
C THR B 6 1.85 -1.98 36.86
N VAL B 7 1.48 -2.34 35.63
CA VAL B 7 2.13 -3.44 34.93
C VAL B 7 3.06 -2.91 33.83
N LEU B 8 4.36 -3.10 34.03
CA LEU B 8 5.36 -2.71 33.03
C LEU B 8 5.47 -3.74 31.91
N MET B 9 5.43 -3.27 30.67
CA MET B 9 5.59 -4.15 29.53
C MET B 9 6.68 -3.64 28.59
N VAL B 10 7.61 -4.52 28.22
CA VAL B 10 8.79 -4.13 27.48
C VAL B 10 8.96 -4.91 26.17
N ALA B 11 8.98 -4.19 25.05
CA ALA B 11 9.24 -4.79 23.74
C ALA B 11 10.68 -4.56 23.32
N GLU B 12 11.07 -5.11 22.18
CA GLU B 12 12.47 -5.05 21.75
C GLU B 12 12.83 -3.73 21.06
N LYS B 13 11.84 -3.12 20.41
CA LYS B 13 12.06 -1.85 19.73
C LYS B 13 10.83 -0.94 19.87
N PRO B 14 11.05 0.40 19.81
CA PRO B 14 10.00 1.40 19.98
C PRO B 14 8.75 1.17 19.13
N SER B 15 8.94 0.84 17.85
CA SER B 15 7.81 0.60 16.96
C SER B 15 7.01 -0.62 17.41
N LEU B 16 7.70 -1.65 17.87
CA LEU B 16 7.06 -2.84 18.41
C LEU B 16 6.23 -2.50 19.66
N ALA B 17 6.84 -1.73 20.55
CA ALA B 17 6.17 -1.32 21.78
C ALA B 17 4.90 -0.54 21.50
N GLN B 18 4.98 0.38 20.53
CA GLN B 18 3.84 1.22 20.18
C GLN B 18 2.70 0.40 19.59
N SER B 19 3.04 -0.50 18.67
CA SER B 19 2.04 -1.32 17.98
C SER B 19 1.33 -2.28 18.93
N ILE B 20 2.11 -2.94 19.79
CA ILE B 20 1.56 -3.89 20.74
C ILE B 20 0.63 -3.17 21.72
N ALA B 21 1.08 -2.01 22.19
CA ALA B 21 0.29 -1.20 23.11
C ALA B 21 -0.99 -0.71 22.44
N LYS B 22 -0.88 -0.36 21.16
CA LYS B 22 -2.03 0.08 20.38
C LYS B 22 -3.08 -1.02 20.27
N ILE B 23 -2.61 -2.25 20.09
CA ILE B 23 -3.49 -3.41 20.01
C ILE B 23 -4.18 -3.71 21.34
N LEU B 24 -3.39 -3.80 22.40
CA LEU B 24 -3.89 -4.19 23.71
C LEU B 24 -4.79 -3.13 24.33
N SER B 25 -4.49 -1.86 24.06
CA SER B 25 -5.28 -0.75 24.60
C SER B 25 -6.52 -0.50 23.75
N ARG B 26 -6.63 -1.23 22.64
CA ARG B 26 -7.69 -1.03 21.66
C ARG B 26 -7.77 0.42 21.21
N GLY B 27 -6.60 1.08 21.14
CA GLY B 27 -6.51 2.44 20.66
C GLY B 27 -6.64 3.50 21.75
N SER B 28 -6.82 3.07 22.99
CA SER B 28 -6.94 4.00 24.11
C SER B 28 -5.56 4.39 24.63
N LEU B 29 -4.59 4.39 23.72
CA LEU B 29 -3.19 4.57 24.05
C LEU B 29 -2.83 6.02 24.34
N SER B 30 -2.02 6.22 25.39
CA SER B 30 -1.47 7.54 25.69
C SER B 30 0.06 7.45 25.72
N SER B 31 0.72 8.18 24.82
CA SER B 31 2.16 8.04 24.64
C SER B 31 2.92 9.33 24.94
N HIS B 32 4.05 9.19 25.64
CA HIS B 32 4.93 10.32 25.94
C HIS B 32 6.38 9.88 25.85
N LYS B 33 7.29 10.83 25.69
CA LYS B 33 8.69 10.50 25.53
C LYS B 33 9.40 10.11 26.82
N GLY B 34 10.31 9.14 26.69
CA GLY B 34 11.16 8.73 27.80
C GLY B 34 12.40 9.59 27.89
N LEU B 35 13.22 9.36 28.90
CA LEU B 35 14.40 10.19 29.14
C LEU B 35 15.48 10.04 28.06
N ASN B 36 15.52 8.89 27.41
CA ASN B 36 16.63 8.58 26.51
C ASN B 36 16.47 9.11 25.08
N GLY B 37 15.29 9.63 24.76
CA GLY B 37 15.04 10.17 23.44
C GLY B 37 14.66 9.12 22.42
N ALA B 38 15.25 7.93 22.53
CA ALA B 38 14.94 6.84 21.61
C ALA B 38 13.62 6.16 21.94
N CYS B 39 13.41 5.85 23.23
CA CYS B 39 12.27 5.05 23.65
C CYS B 39 11.12 5.90 24.19
N SER B 40 9.90 5.51 23.82
CA SER B 40 8.70 6.16 24.31
C SER B 40 7.98 5.25 25.31
N VAL B 41 7.04 5.82 26.05
CA VAL B 41 6.27 5.07 27.03
C VAL B 41 4.77 5.18 26.72
N HIS B 42 4.09 4.04 26.68
CA HIS B 42 2.68 4.00 26.33
C HIS B 42 1.84 3.52 27.49
N GLU B 43 0.94 4.38 27.97
CA GLU B 43 0.15 4.08 29.16
C GLU B 43 -1.34 3.98 28.86
N TYR B 44 -2.00 3.08 29.58
CA TYR B 44 -3.45 2.89 29.48
C TYR B 44 -3.95 2.02 30.62
N THR B 45 -5.26 2.03 30.85
CA THR B 45 -5.86 1.21 31.90
C THR B 45 -6.49 -0.05 31.34
N GLY B 46 -6.44 -1.13 32.12
CA GLY B 46 -7.04 -2.39 31.73
C GLY B 46 -7.14 -3.34 32.91
N THR B 47 -7.23 -4.63 32.63
CA THR B 47 -7.32 -5.62 33.70
C THR B 47 -6.18 -6.63 33.61
N PHE B 48 -5.56 -6.90 34.75
CA PHE B 48 -4.46 -7.87 34.83
C PHE B 48 -4.50 -8.66 36.13
N ALA B 49 -4.50 -9.98 36.01
CA ALA B 49 -4.52 -10.89 37.18
C ALA B 49 -5.71 -10.64 38.10
N GLY B 50 -6.87 -10.43 37.53
CA GLY B 50 -8.09 -10.19 38.30
C GLY B 50 -8.03 -8.89 39.09
N GLN B 51 -7.37 -7.90 38.50
CA GLN B 51 -7.24 -6.60 39.14
C GLN B 51 -7.31 -5.48 38.11
N PRO B 52 -7.98 -4.37 38.46
CA PRO B 52 -7.91 -3.19 37.58
C PRO B 52 -6.51 -2.58 37.68
N VAL B 53 -5.84 -2.40 36.54
CA VAL B 53 -4.46 -1.93 36.58
C VAL B 53 -4.15 -0.85 35.54
N ARG B 54 -3.02 -0.19 35.74
CA ARG B 54 -2.46 0.70 34.74
C ARG B 54 -1.37 -0.03 33.99
N PHE B 55 -1.43 0.00 32.66
CA PHE B 55 -0.41 -0.65 31.85
C PHE B 55 0.62 0.38 31.42
N LYS B 56 1.90 -0.03 31.44
CA LYS B 56 2.99 0.87 31.10
C LYS B 56 3.91 0.21 30.09
N MET B 57 3.68 0.49 28.81
CA MET B 57 4.43 -0.16 27.74
C MET B 57 5.54 0.72 27.20
N THR B 58 6.76 0.19 27.22
CA THR B 58 7.91 0.85 26.62
C THR B 58 8.76 -0.19 25.90
N SER B 59 9.99 0.16 25.59
CA SER B 59 10.86 -0.78 24.91
C SER B 59 12.34 -0.52 25.19
N VAL B 60 13.16 -1.47 24.78
CA VAL B 60 14.60 -1.25 24.69
C VAL B 60 14.91 -0.98 23.22
N CYS B 61 16.17 -1.12 22.83
CA CYS B 61 16.53 -1.03 21.42
C CYS B 61 17.49 -2.15 21.06
N GLY B 62 16.93 -3.35 20.88
CA GLY B 62 17.73 -4.53 20.69
C GLY B 62 18.47 -4.88 21.97
N HIS B 63 19.58 -5.59 21.84
CA HIS B 63 20.39 -5.98 23.00
C HIS B 63 20.82 -4.79 23.84
N VAL B 64 20.55 -4.89 25.14
CA VAL B 64 21.00 -3.87 26.09
C VAL B 64 22.49 -4.00 26.32
N MET B 65 22.97 -5.24 26.39
CA MET B 65 24.36 -5.53 26.71
C MET B 65 25.13 -6.22 25.59
N THR B 66 26.45 -6.09 25.63
CA THR B 66 27.35 -6.91 24.84
C THR B 66 28.48 -7.42 25.73
N LEU B 67 28.97 -8.62 25.47
CA LEU B 67 30.02 -9.21 26.29
C LEU B 67 31.40 -8.75 25.83
N ASP B 68 32.23 -8.34 26.79
CA ASP B 68 33.59 -7.93 26.49
C ASP B 68 34.54 -8.27 27.64
N PHE B 69 35.84 -8.25 27.37
CA PHE B 69 36.86 -8.43 28.39
C PHE B 69 36.97 -7.18 29.26
N LEU B 70 37.54 -7.33 30.44
CA LEU B 70 37.76 -6.20 31.35
C LEU B 70 38.95 -5.37 30.89
N LYS B 78 47.48 -4.92 26.31
CA LYS B 78 48.47 -5.77 25.66
C LYS B 78 48.81 -6.95 26.56
N VAL B 79 48.09 -8.04 26.36
CA VAL B 79 48.25 -9.26 27.17
C VAL B 79 48.52 -10.48 26.31
N ASP B 80 48.91 -11.58 26.95
CA ASP B 80 49.15 -12.84 26.26
C ASP B 80 47.80 -13.48 25.93
N PRO B 81 47.52 -13.67 24.64
CA PRO B 81 46.26 -14.22 24.12
C PRO B 81 45.88 -15.57 24.70
N ALA B 82 46.87 -16.34 25.13
CA ALA B 82 46.62 -17.65 25.73
C ALA B 82 45.79 -17.53 27.00
N GLU B 83 45.88 -16.37 27.65
CA GLU B 83 45.14 -16.13 28.89
C GLU B 83 43.65 -15.87 28.63
N LEU B 84 43.31 -15.54 27.39
CA LEU B 84 41.94 -15.17 27.04
C LEU B 84 40.96 -16.35 27.09
N PHE B 85 41.50 -17.56 27.21
CA PHE B 85 40.65 -18.74 27.28
C PHE B 85 40.04 -18.96 28.65
N SER B 86 40.87 -18.83 29.69
CA SER B 86 40.44 -19.17 31.05
C SER B 86 40.64 -18.04 32.05
N GLN B 87 41.80 -17.40 32.01
CA GLN B 87 42.18 -16.42 33.01
C GLN B 87 41.40 -15.11 32.90
N ALA B 88 41.37 -14.56 31.69
CA ALA B 88 40.77 -13.25 31.46
C ALA B 88 39.27 -13.24 31.74
N PRO B 89 38.84 -12.37 32.66
CA PRO B 89 37.44 -12.22 33.04
C PRO B 89 36.63 -11.48 31.98
N THR B 90 35.36 -11.85 31.83
CA THR B 90 34.48 -11.16 30.91
C THR B 90 33.34 -10.47 31.65
N GLU B 91 32.79 -9.42 31.05
CA GLU B 91 31.71 -8.67 31.66
C GLU B 91 30.80 -8.08 30.60
N LYS B 92 29.53 -7.91 30.94
CA LYS B 92 28.58 -7.28 30.03
C LYS B 92 28.64 -5.76 30.15
N LYS B 93 28.72 -5.09 29.00
CA LYS B 93 28.69 -3.63 28.96
C LYS B 93 27.51 -3.20 28.11
N GLU B 94 27.02 -1.99 28.32
CA GLU B 94 25.92 -1.47 27.53
C GLU B 94 26.34 -1.37 26.06
N ALA B 95 25.53 -1.95 25.18
CA ALA B 95 25.83 -1.99 23.75
C ALA B 95 25.87 -0.58 23.17
N ASN B 96 25.05 0.31 23.72
CA ASN B 96 25.04 1.70 23.31
C ASN B 96 24.85 2.62 24.52
N PRO B 97 25.97 3.03 25.13
CA PRO B 97 25.97 3.86 26.35
C PRO B 97 25.20 5.16 26.16
N LYS B 98 25.18 5.66 24.93
CA LYS B 98 24.52 6.92 24.60
C LYS B 98 23.02 6.83 24.81
N LEU B 99 22.47 5.61 24.77
CA LEU B 99 21.05 5.42 24.97
C LEU B 99 20.69 5.37 26.45
N ASN B 100 21.71 5.17 27.30
CA ASN B 100 21.51 5.10 28.74
C ASN B 100 20.35 4.17 29.12
N MET B 101 20.35 2.98 28.50
CA MET B 101 19.21 2.07 28.55
C MET B 101 18.89 1.50 29.93
N VAL B 102 19.92 1.14 30.68
CA VAL B 102 19.73 0.54 32.00
C VAL B 102 19.05 1.52 32.95
N LYS B 103 19.53 2.76 32.95
CA LYS B 103 18.94 3.81 33.78
C LYS B 103 17.49 4.05 33.37
N PHE B 104 17.25 4.07 32.06
CA PHE B 104 15.91 4.28 31.54
C PHE B 104 14.94 3.21 32.04
N LEU B 105 15.39 1.95 32.01
CA LEU B 105 14.59 0.84 32.50
C LEU B 105 14.35 0.96 34.00
N GLN B 106 15.40 1.37 34.72
CA GLN B 106 15.31 1.56 36.17
C GLN B 106 14.32 2.66 36.52
N VAL B 107 14.31 3.73 35.72
CA VAL B 107 13.41 4.86 35.94
C VAL B 107 11.95 4.47 35.70
N GLU B 108 11.70 3.81 34.57
CA GLU B 108 10.33 3.46 34.19
C GLU B 108 9.82 2.26 34.98
N GLY B 109 10.73 1.42 35.46
CA GLY B 109 10.34 0.23 36.18
C GLY B 109 10.03 0.52 37.64
N ARG B 110 10.42 1.71 38.10
CA ARG B 110 10.18 2.13 39.48
C ARG B 110 8.69 2.22 39.77
N GLY B 111 8.28 1.61 40.88
CA GLY B 111 6.90 1.66 41.30
C GLY B 111 6.00 0.71 40.55
N CYS B 112 6.59 -0.15 39.71
CA CYS B 112 5.82 -1.15 38.99
C CYS B 112 5.68 -2.43 39.81
N ASP B 113 4.54 -3.09 39.68
CA ASP B 113 4.25 -4.30 40.46
C ASP B 113 4.50 -5.57 39.66
N TYR B 114 4.12 -5.54 38.38
CA TYR B 114 4.31 -6.68 37.50
C TYR B 114 5.13 -6.28 36.27
N ILE B 115 5.83 -7.24 35.68
CA ILE B 115 6.49 -7.00 34.40
C ILE B 115 6.15 -8.09 33.38
N VAL B 116 5.77 -7.66 32.19
CA VAL B 116 5.50 -8.60 31.10
C VAL B 116 6.49 -8.36 29.96
N LEU B 117 7.23 -9.40 29.60
CA LEU B 117 8.28 -9.29 28.59
C LEU B 117 7.72 -9.54 27.19
N TRP B 118 7.86 -8.54 26.32
CA TRP B 118 7.35 -8.62 24.96
C TRP B 118 8.46 -8.55 23.92
N LEU B 119 9.63 -9.05 24.27
CA LEU B 119 10.75 -9.10 23.35
C LEU B 119 10.52 -10.17 22.30
N ASP B 120 11.13 -10.01 21.13
CA ASP B 120 10.96 -10.97 20.04
C ASP B 120 11.29 -12.37 20.49
N CYS B 121 10.55 -13.36 19.99
CA CYS B 121 10.60 -14.70 20.56
C CYS B 121 11.60 -15.62 19.87
N ASP B 122 12.87 -15.37 20.14
CA ASP B 122 13.95 -16.30 19.83
C ASP B 122 14.88 -16.34 21.03
N LYS B 123 15.95 -17.12 20.91
CA LYS B 123 16.88 -17.29 22.03
C LYS B 123 17.54 -15.97 22.40
N GLU B 124 17.86 -15.16 21.39
CA GLU B 124 18.40 -13.82 21.60
C GLU B 124 17.45 -12.97 22.43
N GLY B 125 16.18 -12.97 22.04
CA GLY B 125 15.16 -12.21 22.73
C GLY B 125 15.00 -12.67 24.17
N GLU B 126 15.12 -13.97 24.37
CA GLU B 126 15.06 -14.54 25.71
C GLU B 126 16.26 -14.05 26.52
N ASN B 127 17.40 -13.92 25.87
CA ASN B 127 18.61 -13.41 26.51
C ASN B 127 18.43 -11.95 26.90
N ILE B 128 17.75 -11.19 26.05
CA ILE B 128 17.47 -9.79 26.32
C ILE B 128 16.47 -9.65 27.46
N CYS B 129 15.57 -10.62 27.59
CA CYS B 129 14.62 -10.66 28.71
C CYS B 129 15.31 -10.52 30.04
N PHE B 130 16.40 -11.26 30.22
CA PHE B 130 17.13 -11.26 31.47
C PHE B 130 18.04 -10.04 31.58
N GLU B 131 18.38 -9.45 30.44
CA GLU B 131 19.01 -8.13 30.45
C GLU B 131 18.05 -7.11 31.06
N VAL B 132 16.80 -7.16 30.60
CA VAL B 132 15.77 -6.25 31.09
C VAL B 132 15.48 -6.51 32.57
N LEU B 133 15.30 -7.78 32.92
CA LEU B 133 14.99 -8.17 34.29
C LEU B 133 16.10 -7.76 35.26
N ASP B 134 17.34 -7.86 34.81
CA ASP B 134 18.49 -7.50 35.64
C ASP B 134 18.46 -6.02 36.02
N ALA B 135 17.94 -5.20 35.13
CA ALA B 135 17.86 -3.76 35.36
C ALA B 135 16.59 -3.35 36.12
N VAL B 136 15.49 -4.02 35.82
CA VAL B 136 14.18 -3.58 36.30
C VAL B 136 13.79 -4.19 37.65
N LEU B 137 14.08 -5.47 37.86
CA LEU B 137 13.69 -6.16 39.09
C LEU B 137 14.13 -5.48 40.41
N PRO B 138 15.39 -4.99 40.48
CA PRO B 138 15.77 -4.36 41.76
C PRO B 138 15.02 -3.07 42.09
N VAL B 139 14.34 -2.47 41.11
CA VAL B 139 13.69 -1.19 41.33
C VAL B 139 12.16 -1.33 41.36
N MET B 140 11.68 -2.54 41.11
CA MET B 140 10.24 -2.80 41.14
C MET B 140 9.69 -2.85 42.56
N ASN B 141 8.38 -2.68 42.69
CA ASN B 141 7.71 -2.84 43.97
C ASN B 141 7.78 -4.30 44.43
N LYS B 142 8.08 -4.51 45.70
CA LYS B 142 8.20 -5.88 46.20
C LYS B 142 6.83 -6.48 46.42
N ALA B 143 6.61 -7.65 45.84
CA ALA B 143 5.33 -8.33 45.96
C ALA B 143 5.04 -8.58 47.42
N HIS B 144 3.78 -8.42 47.82
CA HIS B 144 3.39 -8.66 49.20
C HIS B 144 3.19 -10.15 49.40
N GLY B 145 2.52 -10.77 48.43
CA GLY B 145 2.21 -12.17 48.49
C GLY B 145 3.41 -13.05 48.18
N GLY B 146 4.46 -12.48 47.63
CA GLY B 146 5.60 -13.30 47.26
C GLY B 146 5.24 -13.95 45.93
N GLU B 147 4.29 -13.33 45.24
CA GLU B 147 3.70 -13.90 44.04
C GLU B 147 4.50 -13.71 42.75
N LYS B 148 3.94 -14.23 41.67
CA LYS B 148 4.52 -14.14 40.33
C LYS B 148 4.41 -12.75 39.72
N THR B 149 5.55 -12.08 39.59
CA THR B 149 5.58 -10.72 39.08
C THR B 149 6.23 -10.62 37.71
N VAL B 150 6.80 -11.73 37.25
CA VAL B 150 7.49 -11.75 35.95
C VAL B 150 6.76 -12.64 34.95
N PHE B 151 6.43 -12.07 33.79
CA PHE B 151 5.70 -12.78 32.75
C PHE B 151 6.38 -12.63 31.39
N ARG B 152 6.12 -13.59 30.51
CA ARG B 152 6.71 -13.60 29.18
C ARG B 152 5.64 -13.89 28.13
N ALA B 153 5.43 -12.93 27.23
CA ALA B 153 4.47 -13.11 26.15
C ALA B 153 5.12 -13.77 24.96
N ARG B 154 4.40 -14.70 24.33
CA ARG B 154 4.92 -15.40 23.16
C ARG B 154 4.02 -15.19 21.94
N PHE B 155 4.64 -14.76 20.86
CA PHE B 155 3.90 -14.35 19.66
C PHE B 155 4.80 -14.46 18.43
N SER B 156 4.19 -14.54 17.25
CA SER B 156 4.94 -14.74 16.02
C SER B 156 4.70 -13.62 15.01
N SER B 157 3.74 -12.76 15.30
CA SER B 157 3.41 -11.66 14.41
C SER B 157 2.78 -10.50 15.17
N ILE B 158 2.95 -9.29 14.65
CA ILE B 158 2.35 -8.11 15.26
C ILE B 158 0.96 -7.88 14.67
N THR B 159 0.04 -8.77 15.00
CA THR B 159 -1.35 -8.65 14.55
C THR B 159 -2.27 -8.65 15.77
N ASP B 160 -3.45 -8.07 15.62
CA ASP B 160 -4.42 -7.98 16.70
C ASP B 160 -4.72 -9.35 17.33
N THR B 161 -4.96 -10.34 16.47
CA THR B 161 -5.27 -11.70 16.93
C THR B 161 -4.12 -12.35 17.70
N ASP B 162 -2.92 -12.25 17.16
CA ASP B 162 -1.77 -12.96 17.73
C ASP B 162 -1.27 -12.29 19.01
N ILE B 163 -1.36 -10.97 19.08
CA ILE B 163 -0.89 -10.22 20.24
C ILE B 163 -1.85 -10.38 21.43
N CYS B 164 -3.14 -10.33 21.15
CA CYS B 164 -4.16 -10.50 22.18
C CYS B 164 -4.12 -11.92 22.76
N ASN B 165 -3.86 -12.90 21.89
CA ASN B 165 -3.75 -14.28 22.32
C ASN B 165 -2.56 -14.49 23.25
N ALA B 166 -1.49 -13.74 22.98
CA ALA B 166 -0.28 -13.81 23.80
C ALA B 166 -0.56 -13.38 25.24
N MET B 167 -1.33 -12.30 25.39
CA MET B 167 -1.70 -11.78 26.71
C MET B 167 -2.52 -12.80 27.49
N ALA B 168 -3.33 -13.57 26.77
CA ALA B 168 -4.22 -14.55 27.38
C ALA B 168 -3.47 -15.80 27.86
N CYS B 169 -2.28 -16.01 27.31
CA CYS B 169 -1.49 -17.19 27.66
C CYS B 169 -0.04 -16.84 28.01
N LEU B 170 0.13 -16.01 29.03
CA LEU B 170 1.46 -15.59 29.46
C LEU B 170 2.28 -16.73 30.08
N GLY B 171 3.56 -16.79 29.71
CA GLY B 171 4.46 -17.78 30.28
C GLY B 171 5.57 -17.13 31.09
N GLU B 172 6.74 -17.77 31.11
CA GLU B 172 7.88 -17.24 31.84
C GLU B 172 9.10 -17.18 30.93
N PRO B 173 10.04 -16.28 31.22
CA PRO B 173 11.28 -16.23 30.41
C PRO B 173 12.10 -17.50 30.57
N ASP B 174 12.78 -17.91 29.50
CA ASP B 174 13.54 -19.15 29.49
C ASP B 174 15.00 -18.91 29.79
N HIS B 175 15.42 -19.24 31.02
CA HIS B 175 16.80 -19.01 31.45
C HIS B 175 17.79 -19.92 30.72
N ASN B 176 17.33 -21.09 30.32
CA ASN B 176 18.16 -22.02 29.57
C ASN B 176 18.57 -21.46 28.21
N GLU B 177 17.60 -20.88 27.51
CA GLU B 177 17.84 -20.28 26.20
C GLU B 177 18.76 -19.06 26.33
N ALA B 178 18.56 -18.29 27.40
CA ALA B 178 19.41 -17.14 27.68
C ALA B 178 20.85 -17.57 27.92
N LEU B 179 21.02 -18.69 28.63
CA LEU B 179 22.35 -19.22 28.92
C LEU B 179 23.06 -19.69 27.67
N SER B 180 22.30 -20.26 26.73
CA SER B 180 22.88 -20.73 25.47
C SER B 180 23.45 -19.56 24.68
N VAL B 181 22.75 -18.43 24.70
CA VAL B 181 23.19 -17.23 24.01
C VAL B 181 24.45 -16.65 24.67
N ASP B 182 24.42 -16.58 26.00
CA ASP B 182 25.58 -16.13 26.77
C ASP B 182 26.80 -17.00 26.47
N ALA B 183 26.57 -18.32 26.45
CA ALA B 183 27.63 -19.28 26.21
C ALA B 183 28.25 -19.11 24.83
N ARG B 184 27.41 -18.87 23.83
CA ARG B 184 27.90 -18.64 22.47
C ARG B 184 28.72 -17.37 22.42
N GLN B 185 28.25 -16.33 23.10
CA GLN B 185 28.94 -15.05 23.16
C GLN B 185 30.34 -15.21 23.74
N GLU B 186 30.43 -15.91 24.87
CA GLU B 186 31.70 -16.10 25.56
C GLU B 186 32.66 -16.97 24.76
N LEU B 187 32.13 -18.04 24.16
CA LEU B 187 32.95 -18.93 23.34
C LEU B 187 33.54 -18.20 22.15
N ASP B 188 32.70 -17.48 21.41
CA ASP B 188 33.14 -16.79 20.21
C ASP B 188 34.07 -15.63 20.53
N LEU B 189 33.84 -14.97 21.66
CA LEU B 189 34.69 -13.86 22.09
C LEU B 189 36.08 -14.34 22.47
N ARG B 190 36.15 -15.32 23.38
CA ARG B 190 37.42 -15.84 23.87
C ARG B 190 38.24 -16.49 22.77
N ILE B 191 37.65 -17.46 22.08
CA ILE B 191 38.33 -18.19 21.02
C ILE B 191 38.66 -17.28 19.85
N GLY B 192 37.73 -16.40 19.51
CA GLY B 192 37.92 -15.45 18.43
C GLY B 192 39.08 -14.49 18.66
N CYS B 193 39.09 -13.85 19.83
CA CYS B 193 40.09 -12.83 20.13
C CYS B 193 41.47 -13.42 20.39
N ALA B 194 41.51 -14.62 20.96
CA ALA B 194 42.77 -15.28 21.25
C ALA B 194 43.55 -15.56 19.97
N PHE B 195 42.91 -16.25 19.04
CA PHE B 195 43.53 -16.58 17.76
C PHE B 195 43.78 -15.31 16.92
N THR B 196 42.89 -14.34 17.03
CA THR B 196 43.02 -13.10 16.26
C THR B 196 44.17 -12.24 16.77
N ARG B 197 44.17 -11.93 18.06
CA ARG B 197 45.19 -11.03 18.62
C ARG B 197 46.60 -11.58 18.52
N PHE B 198 46.74 -12.90 18.63
CA PHE B 198 48.06 -13.50 18.49
C PHE B 198 48.64 -13.15 17.12
N GLN B 199 47.81 -13.28 16.10
CA GLN B 199 48.23 -13.05 14.72
C GLN B 199 48.45 -11.57 14.40
N THR B 200 47.57 -10.71 14.92
CA THR B 200 47.69 -9.28 14.68
C THR B 200 49.00 -8.75 15.25
N LYS B 201 49.41 -9.31 16.38
CA LYS B 201 50.68 -8.96 17.01
C LYS B 201 51.85 -9.65 16.32
N TYR B 202 51.69 -10.94 16.06
CA TYR B 202 52.76 -11.75 15.45
C TYR B 202 53.20 -11.21 14.08
N PHE B 203 52.24 -10.71 13.31
CA PHE B 203 52.51 -10.27 11.94
C PHE B 203 52.66 -8.75 11.81
N GLN B 204 52.58 -8.04 12.93
CA GLN B 204 52.62 -6.58 12.93
C GLN B 204 53.91 -6.03 12.31
N GLY B 205 53.77 -5.36 11.18
CA GLY B 205 54.89 -4.74 10.49
C GLY B 205 55.92 -5.71 9.95
N LYS B 206 55.60 -7.00 9.99
CA LYS B 206 56.53 -8.04 9.58
C LYS B 206 56.71 -8.04 8.06
N TYR B 207 55.62 -7.80 7.34
CA TYR B 207 55.67 -7.78 5.88
C TYR B 207 55.08 -6.48 5.35
N GLY B 208 55.74 -5.90 4.36
CA GLY B 208 55.43 -4.57 3.88
C GLY B 208 54.02 -4.34 3.38
N ASP B 209 53.48 -5.34 2.70
CA ASP B 209 52.15 -5.21 2.09
C ASP B 209 51.05 -5.81 2.97
N LEU B 210 51.38 -6.08 4.23
CA LEU B 210 50.42 -6.72 5.13
C LEU B 210 50.08 -5.88 6.36
N ASP B 211 48.83 -5.43 6.42
CA ASP B 211 48.28 -4.80 7.62
C ASP B 211 47.73 -5.89 8.54
N SER B 212 48.51 -6.26 9.56
CA SER B 212 48.18 -7.39 10.41
C SER B 212 46.85 -7.24 11.17
N SER B 213 46.37 -6.01 11.30
CA SER B 213 45.11 -5.77 12.01
C SER B 213 43.91 -6.24 11.19
N LEU B 214 44.17 -6.60 9.93
CA LEU B 214 43.13 -7.10 9.06
C LEU B 214 42.97 -8.61 9.23
N ILE B 215 43.93 -9.23 9.91
CA ILE B 215 43.91 -10.68 10.14
C ILE B 215 43.00 -11.02 11.31
N SER B 216 42.17 -12.05 11.13
CA SER B 216 41.29 -12.50 12.20
C SER B 216 40.95 -13.98 12.07
N PHE B 217 40.58 -14.58 13.19
CA PHE B 217 39.99 -15.92 13.19
C PHE B 217 38.65 -15.87 13.88
N GLY B 218 37.71 -16.67 13.39
CA GLY B 218 36.42 -16.80 14.01
C GLY B 218 35.96 -18.24 13.92
N PRO B 219 35.42 -18.79 15.02
CA PRO B 219 35.00 -20.19 15.08
C PRO B 219 33.92 -20.52 14.04
N CYS B 220 33.26 -19.50 13.51
CA CYS B 220 32.25 -19.71 12.47
C CYS B 220 32.59 -19.00 11.17
N GLN B 221 33.11 -17.77 11.26
CA GLN B 221 33.40 -16.99 10.06
C GLN B 221 34.53 -17.60 9.23
N THR B 222 35.48 -18.26 9.89
CA THR B 222 36.60 -18.89 9.18
C THR B 222 36.14 -20.13 8.40
N PRO B 223 35.33 -21.03 9.02
CA PRO B 223 34.78 -22.08 8.17
C PRO B 223 33.88 -21.54 7.06
N THR B 224 33.20 -20.44 7.32
CA THR B 224 32.34 -19.81 6.35
C THR B 224 33.15 -19.32 5.16
N LEU B 225 34.25 -18.65 5.46
CA LEU B 225 35.19 -18.18 4.44
C LEU B 225 35.82 -19.36 3.69
N GLY B 226 36.08 -20.44 4.42
CA GLY B 226 36.65 -21.65 3.85
C GLY B 226 35.90 -22.16 2.64
N PHE B 227 34.58 -22.14 2.73
CA PHE B 227 33.71 -22.56 1.62
C PHE B 227 34.01 -21.75 0.37
N CYS B 228 34.12 -20.44 0.52
CA CYS B 228 34.36 -19.55 -0.60
C CYS B 228 35.75 -19.76 -1.20
N VAL B 229 36.73 -20.00 -0.33
CA VAL B 229 38.12 -20.19 -0.78
C VAL B 229 38.29 -21.55 -1.45
N GLU B 230 37.53 -22.54 -0.98
CA GLU B 230 37.54 -23.86 -1.58
C GLU B 230 37.15 -23.78 -3.06
N ARG B 231 36.10 -23.01 -3.34
CA ARG B 231 35.64 -22.79 -4.70
C ARG B 231 36.73 -22.09 -5.52
N HIS B 232 37.39 -21.11 -4.91
CA HIS B 232 38.50 -20.42 -5.54
C HIS B 232 39.60 -21.38 -5.98
N ASP B 233 39.91 -22.35 -5.12
CA ASP B 233 40.96 -23.33 -5.41
C ASP B 233 40.58 -24.18 -6.63
N LYS B 234 39.33 -24.61 -6.69
CA LYS B 234 38.82 -25.37 -7.82
C LYS B 234 38.90 -24.55 -9.10
N ILE B 235 38.60 -23.27 -8.99
CA ILE B 235 38.68 -22.36 -10.13
C ILE B 235 40.13 -22.15 -10.56
N GLN B 236 41.01 -22.00 -9.58
CA GLN B 236 42.41 -21.71 -9.83
C GLN B 236 43.15 -22.90 -10.43
N SER B 237 42.68 -24.11 -10.11
CA SER B 237 43.34 -25.32 -10.58
C SER B 237 42.67 -25.88 -11.83
N PHE B 238 41.67 -25.16 -12.35
CA PHE B 238 40.95 -25.60 -13.54
C PHE B 238 41.82 -25.46 -14.78
N LYS B 239 41.76 -26.46 -15.65
CA LYS B 239 42.49 -26.43 -16.91
C LYS B 239 41.52 -26.52 -18.08
N PRO B 240 41.33 -25.40 -18.80
CA PRO B 240 40.41 -25.34 -19.93
C PRO B 240 40.77 -26.30 -21.04
N GLU B 241 39.77 -26.94 -21.64
CA GLU B 241 39.99 -27.82 -22.78
C GLU B 241 39.18 -27.35 -23.98
N THR B 242 39.78 -27.38 -25.16
CA THR B 242 39.05 -27.10 -26.39
C THR B 242 38.15 -28.29 -26.72
N TYR B 243 36.90 -28.00 -27.04
CA TYR B 243 36.00 -29.06 -27.51
C TYR B 243 35.15 -28.59 -28.69
N TRP B 244 34.53 -29.54 -29.37
CA TRP B 244 33.73 -29.23 -30.55
C TRP B 244 32.33 -29.78 -30.44
N VAL B 245 31.35 -28.95 -30.80
CA VAL B 245 29.95 -29.33 -30.74
C VAL B 245 29.25 -29.25 -32.10
N LEU B 246 28.68 -30.37 -32.53
CA LEU B 246 27.82 -30.37 -33.69
C LEU B 246 26.43 -29.91 -33.29
N GLN B 247 25.85 -28.98 -34.06
CA GLN B 247 24.47 -28.62 -33.84
C GLN B 247 23.75 -28.68 -35.18
N ALA B 248 22.51 -29.14 -35.14
CA ALA B 248 21.75 -29.33 -36.37
C ALA B 248 20.40 -28.64 -36.28
N LYS B 249 19.92 -28.16 -37.42
CA LYS B 249 18.61 -27.54 -37.48
C LYS B 249 17.73 -28.30 -38.47
N VAL B 250 16.47 -28.50 -38.09
CA VAL B 250 15.56 -29.34 -38.86
C VAL B 250 14.30 -28.54 -39.20
N ASN B 251 13.82 -28.72 -40.44
CA ASN B 251 12.65 -28.00 -40.93
C ASN B 251 11.39 -28.84 -40.94
N THR B 252 10.35 -28.39 -40.24
CA THR B 252 9.08 -29.11 -40.21
C THR B 252 8.39 -29.06 -41.57
N ASP B 255 6.62 -24.42 -40.40
CA ASP B 255 7.82 -24.51 -41.22
C ASP B 255 8.94 -23.67 -40.61
N ARG B 256 9.30 -23.99 -39.37
CA ARG B 256 10.37 -23.29 -38.67
C ARG B 256 11.47 -24.29 -38.29
N SER B 257 12.69 -23.78 -38.10
CA SER B 257 13.85 -24.61 -37.80
C SER B 257 13.94 -25.08 -36.35
N LEU B 258 13.89 -26.39 -36.17
CA LEU B 258 14.12 -27.03 -34.87
C LEU B 258 15.61 -27.20 -34.59
N LEU B 259 16.07 -26.66 -33.47
CA LEU B 259 17.46 -26.84 -33.06
C LEU B 259 17.65 -28.18 -32.35
N LEU B 260 18.63 -28.96 -32.81
CA LEU B 260 18.88 -30.28 -32.26
C LEU B 260 20.12 -30.31 -31.38
N ASP B 261 20.06 -31.11 -30.32
CA ASP B 261 21.21 -31.28 -29.43
C ASP B 261 21.94 -32.58 -29.76
N TRP B 262 23.25 -32.49 -29.89
CA TRP B 262 24.09 -33.65 -30.22
C TRP B 262 24.07 -34.68 -29.09
N ASP B 263 23.73 -35.93 -29.41
CA ASP B 263 23.69 -37.00 -28.43
C ASP B 263 25.08 -37.29 -27.86
N ARG B 264 26.10 -37.13 -28.72
CA ARG B 264 27.49 -37.30 -28.31
C ARG B 264 27.93 -36.12 -27.45
N VAL B 265 27.09 -35.09 -27.41
CA VAL B 265 27.27 -33.89 -26.60
C VAL B 265 28.49 -33.06 -27.00
N ARG B 266 29.68 -33.65 -26.86
CA ARG B 266 30.93 -32.92 -27.12
C ARG B 266 32.03 -33.87 -27.59
N VAL B 267 33.06 -33.30 -28.18
CA VAL B 267 34.20 -34.07 -28.66
C VAL B 267 35.47 -33.25 -28.39
N PHE B 268 36.55 -33.92 -28.01
CA PHE B 268 37.76 -33.22 -27.61
C PHE B 268 38.94 -33.40 -28.57
N ASP B 269 38.67 -34.03 -29.70
CA ASP B 269 39.71 -34.22 -30.73
C ASP B 269 39.34 -33.44 -31.98
N ARG B 270 40.27 -32.63 -32.47
CA ARG B 270 40.02 -31.74 -33.60
C ARG B 270 39.69 -32.49 -34.89
N GLU B 271 40.43 -33.55 -35.15
CA GLU B 271 40.27 -34.30 -36.40
C GLU B 271 38.96 -35.08 -36.43
N ILE B 272 38.62 -35.72 -35.32
CA ILE B 272 37.40 -36.52 -35.27
C ILE B 272 36.18 -35.62 -35.23
N ALA B 273 36.36 -34.39 -34.76
CA ALA B 273 35.29 -33.40 -34.79
C ALA B 273 34.92 -33.11 -36.24
N GLN B 274 35.94 -32.87 -37.06
CA GLN B 274 35.76 -32.63 -38.48
C GLN B 274 35.12 -33.83 -39.17
N MET B 275 35.48 -35.03 -38.71
CA MET B 275 34.94 -36.26 -39.26
C MET B 275 33.42 -36.36 -39.06
N PHE B 276 32.96 -36.07 -37.85
CA PHE B 276 31.54 -36.13 -37.53
C PHE B 276 30.78 -35.08 -38.33
N LEU B 277 31.39 -33.90 -38.50
CA LEU B 277 30.79 -32.85 -39.30
C LEU B 277 30.67 -33.29 -40.75
N ASN B 278 31.73 -33.93 -41.27
CA ASN B 278 31.74 -34.43 -42.63
C ASN B 278 30.63 -35.45 -42.89
N MET B 279 30.37 -36.29 -41.88
CA MET B 279 29.42 -37.38 -42.03
C MET B 279 27.98 -36.93 -41.75
N THR B 280 27.78 -35.63 -41.49
CA THR B 280 26.45 -35.10 -41.25
C THR B 280 26.11 -33.93 -42.16
N LYS B 281 27.11 -33.15 -42.54
CA LYS B 281 26.88 -31.91 -43.28
C LYS B 281 26.26 -32.11 -44.67
N LEU B 282 26.43 -33.31 -45.23
CA LEU B 282 25.92 -33.58 -46.57
C LEU B 282 24.54 -34.25 -46.55
N GLU B 283 24.14 -34.74 -45.39
CA GLU B 283 22.83 -35.37 -45.24
C GLU B 283 21.71 -34.35 -45.42
N LYS B 284 20.68 -34.73 -46.18
CA LYS B 284 19.61 -33.81 -46.50
C LYS B 284 18.37 -34.13 -45.67
N GLU B 285 18.38 -35.31 -45.05
CA GLU B 285 17.26 -35.78 -44.26
C GLU B 285 17.67 -36.29 -42.88
N ALA B 286 16.85 -35.96 -41.88
CA ALA B 286 17.01 -36.50 -40.53
C ALA B 286 15.88 -37.49 -40.28
N GLN B 287 16.23 -38.71 -39.88
CA GLN B 287 15.23 -39.74 -39.67
C GLN B 287 14.80 -39.82 -38.21
N VAL B 288 13.48 -39.78 -37.99
CA VAL B 288 12.93 -39.92 -36.65
C VAL B 288 13.07 -41.36 -36.17
N GLU B 289 13.85 -41.54 -35.10
CA GLU B 289 14.08 -42.88 -34.58
C GLU B 289 13.21 -43.17 -33.36
N ALA B 290 12.85 -42.12 -32.61
CA ALA B 290 11.99 -42.29 -31.44
C ALA B 290 11.33 -40.98 -31.04
N THR B 291 10.17 -41.09 -30.39
CA THR B 291 9.47 -39.94 -29.82
C THR B 291 8.95 -40.32 -28.45
N SER B 292 8.68 -39.32 -27.61
CA SER B 292 8.09 -39.58 -26.30
C SER B 292 7.32 -38.40 -25.72
N ARG B 293 6.23 -38.72 -25.02
CA ARG B 293 5.52 -37.75 -24.19
C ARG B 293 5.34 -38.29 -22.78
N LYS B 294 5.79 -37.52 -21.80
CA LYS B 294 5.60 -37.89 -20.41
C LYS B 294 4.93 -36.76 -19.64
N GLU B 295 3.82 -37.08 -18.98
CA GLU B 295 3.17 -36.12 -18.11
C GLU B 295 3.99 -35.97 -16.84
N LYS B 296 4.38 -34.73 -16.55
CA LYS B 296 5.23 -34.48 -15.39
C LYS B 296 4.66 -33.35 -14.53
N ALA B 297 5.12 -33.26 -13.29
CA ALA B 297 4.60 -32.26 -12.37
C ALA B 297 5.70 -31.42 -11.74
N LYS B 298 5.54 -30.11 -11.81
CA LYS B 298 6.38 -29.19 -11.05
C LYS B 298 5.66 -28.78 -9.76
N GLN B 299 6.14 -29.27 -8.62
CA GLN B 299 5.46 -29.04 -7.35
C GLN B 299 5.53 -27.59 -6.90
N ARG B 300 4.47 -27.14 -6.24
CA ARG B 300 4.47 -25.84 -5.58
C ARG B 300 5.52 -25.87 -4.47
N PRO B 301 6.03 -24.70 -4.07
CA PRO B 301 7.12 -24.71 -3.09
C PRO B 301 6.69 -25.12 -1.69
N LEU B 302 7.64 -25.62 -0.91
CA LEU B 302 7.45 -25.77 0.53
C LEU B 302 7.21 -24.39 1.13
N ALA B 303 6.54 -24.36 2.28
CA ALA B 303 6.30 -23.11 2.99
C ALA B 303 7.63 -22.41 3.28
N LEU B 304 7.61 -21.07 3.27
CA LEU B 304 8.83 -20.28 3.23
C LEU B 304 9.64 -20.35 4.52
N ASN B 305 10.93 -20.64 4.37
CA ASN B 305 11.87 -20.69 5.48
C ASN B 305 12.80 -19.47 5.50
N THR B 306 13.51 -19.29 6.60
CA THR B 306 14.48 -18.21 6.71
C THR B 306 15.59 -18.41 5.70
N VAL B 307 16.12 -19.62 5.68
CA VAL B 307 17.19 -20.01 4.76
C VAL B 307 16.77 -19.83 3.31
N GLU B 308 15.55 -20.27 2.99
CA GLU B 308 15.02 -20.14 1.65
C GLU B 308 14.78 -18.68 1.27
N MET B 309 14.24 -17.90 2.21
CA MET B 309 14.01 -16.48 1.98
C MET B 309 15.31 -15.76 1.60
N LEU B 310 16.38 -16.06 2.33
CA LEU B 310 17.67 -15.43 2.08
C LEU B 310 18.26 -15.83 0.74
N ARG B 311 18.13 -17.12 0.40
CA ARG B 311 18.63 -17.63 -0.87
C ARG B 311 17.94 -16.95 -2.05
N VAL B 312 16.62 -16.86 -1.97
CA VAL B 312 15.84 -16.25 -3.04
C VAL B 312 16.08 -14.74 -3.08
N ALA B 313 16.12 -14.11 -1.91
CA ALA B 313 16.37 -12.68 -1.82
C ALA B 313 17.69 -12.31 -2.49
N SER B 314 18.66 -13.22 -2.41
CA SER B 314 19.94 -13.02 -3.06
C SER B 314 19.88 -13.35 -4.54
N SER B 315 19.48 -14.57 -4.86
CA SER B 315 19.46 -15.06 -6.23
C SER B 315 18.45 -14.33 -7.12
N SER B 316 17.28 -14.01 -6.57
CA SER B 316 16.21 -13.44 -7.37
C SER B 316 16.03 -11.94 -7.18
N LEU B 317 16.21 -11.46 -5.95
CA LEU B 317 15.96 -10.06 -5.65
C LEU B 317 17.22 -9.22 -5.55
N GLY B 318 18.38 -9.86 -5.67
CA GLY B 318 19.66 -9.16 -5.62
C GLY B 318 19.95 -8.56 -4.26
N MET B 319 19.33 -9.12 -3.23
CA MET B 319 19.50 -8.64 -1.86
C MET B 319 20.48 -9.51 -1.07
N GLY B 320 21.49 -8.89 -0.47
CA GLY B 320 22.39 -9.60 0.42
C GLY B 320 21.64 -10.16 1.61
N PRO B 321 22.14 -11.28 2.18
CA PRO B 321 21.48 -11.95 3.30
C PRO B 321 21.29 -11.03 4.51
N GLN B 322 22.33 -10.28 4.85
CA GLN B 322 22.24 -9.33 5.96
C GLN B 322 21.24 -8.22 5.63
N HIS B 323 21.30 -7.72 4.39
CA HIS B 323 20.33 -6.75 3.92
C HIS B 323 18.91 -7.32 3.92
N ALA B 324 18.78 -8.58 3.53
CA ALA B 324 17.48 -9.23 3.47
C ALA B 324 16.90 -9.43 4.86
N MET B 325 17.76 -9.80 5.80
CA MET B 325 17.34 -10.06 7.17
C MET B 325 16.75 -8.81 7.84
N GLN B 326 17.44 -7.68 7.70
CA GLN B 326 16.97 -6.44 8.32
C GLN B 326 15.70 -5.94 7.64
N THR B 327 15.59 -6.18 6.34
CA THR B 327 14.40 -5.80 5.59
C THR B 327 13.19 -6.59 6.06
N ALA B 328 13.39 -7.89 6.23
CA ALA B 328 12.34 -8.79 6.70
C ALA B 328 11.92 -8.44 8.13
N GLU B 329 12.89 -8.12 8.97
CA GLU B 329 12.62 -7.76 10.36
C GLU B 329 11.76 -6.50 10.45
N ARG B 330 12.01 -5.56 9.54
CA ARG B 330 11.20 -4.35 9.49
C ARG B 330 9.77 -4.65 9.08
N LEU B 331 9.62 -5.54 8.09
CA LEU B 331 8.30 -5.97 7.65
C LEU B 331 7.54 -6.63 8.80
N TYR B 332 8.25 -7.44 9.57
CA TYR B 332 7.70 -8.06 10.76
C TYR B 332 7.30 -7.00 11.79
N THR B 333 8.18 -6.01 11.93
CA THR B 333 7.95 -4.89 12.84
C THR B 333 6.66 -4.14 12.52
N GLN B 334 6.41 -3.93 11.23
CA GLN B 334 5.22 -3.22 10.79
C GLN B 334 4.00 -4.14 10.69
N GLY B 335 4.20 -5.42 11.00
CA GLY B 335 3.12 -6.37 11.01
C GLY B 335 2.72 -6.85 9.61
N TYR B 336 3.62 -6.71 8.65
CA TYR B 336 3.32 -7.13 7.29
C TYR B 336 3.62 -8.61 7.07
N ILE B 337 4.59 -9.13 7.83
CA ILE B 337 4.92 -10.55 7.79
C ILE B 337 5.10 -11.09 9.20
N SER B 338 5.06 -12.41 9.35
CA SER B 338 5.36 -13.04 10.63
C SER B 338 6.87 -13.00 10.86
N TYR B 339 7.30 -13.43 12.05
CA TYR B 339 8.71 -13.34 12.43
C TYR B 339 9.60 -14.13 11.46
N PRO B 340 10.53 -13.43 10.80
CA PRO B 340 11.33 -13.97 9.70
C PRO B 340 12.55 -14.77 10.15
N ARG B 341 12.60 -15.15 11.42
CA ARG B 341 13.66 -16.04 11.88
C ARG B 341 13.05 -17.36 12.35
N THR B 342 12.95 -18.30 11.42
CA THR B 342 12.31 -19.58 11.68
C THR B 342 12.91 -20.68 10.82
N GLU B 343 12.91 -21.90 11.34
CA GLU B 343 13.38 -23.06 10.58
C GLU B 343 12.20 -23.87 10.06
N THR B 344 11.00 -23.48 10.47
CA THR B 344 9.78 -24.20 10.13
C THR B 344 9.34 -24.01 8.68
N THR B 345 9.07 -25.12 8.01
CA THR B 345 8.54 -25.09 6.65
C THR B 345 7.18 -25.79 6.59
N HIS B 346 6.55 -25.92 7.77
CA HIS B 346 5.29 -26.63 7.89
C HIS B 346 4.22 -25.78 8.59
N TYR B 347 3.11 -25.53 7.91
CA TYR B 347 1.99 -24.86 8.55
C TYR B 347 1.26 -25.80 9.50
N PRO B 348 1.06 -25.36 10.75
CA PRO B 348 0.27 -26.10 11.74
C PRO B 348 -1.19 -26.16 11.30
N GLU B 349 -1.89 -27.22 11.66
CA GLU B 349 -3.28 -27.42 11.26
C GLU B 349 -4.16 -26.26 11.70
N ASN B 350 -3.87 -25.74 12.90
CA ASN B 350 -4.62 -24.63 13.48
C ASN B 350 -4.43 -23.31 12.75
N PHE B 351 -3.32 -23.17 12.04
CA PHE B 351 -2.93 -21.91 11.41
C PHE B 351 -3.99 -21.36 10.46
N ASP B 352 -4.28 -20.08 10.60
CA ASP B 352 -5.29 -19.42 9.77
C ASP B 352 -4.74 -19.03 8.40
N LEU B 353 -4.78 -19.97 7.47
CA LEU B 353 -4.29 -19.74 6.11
C LEU B 353 -5.21 -18.77 5.37
N LYS B 354 -6.52 -18.96 5.54
CA LYS B 354 -7.51 -18.14 4.87
C LYS B 354 -7.44 -16.68 5.30
N GLY B 355 -7.15 -16.45 6.58
CA GLY B 355 -7.02 -15.11 7.10
C GLY B 355 -5.96 -14.29 6.39
N SER B 356 -4.78 -14.87 6.24
CA SER B 356 -3.69 -14.21 5.52
C SER B 356 -4.02 -14.04 4.05
N LEU B 357 -4.62 -15.07 3.46
CA LEU B 357 -4.96 -15.08 2.05
C LEU B 357 -6.04 -14.05 1.71
N ARG B 358 -7.02 -13.91 2.60
CA ARG B 358 -8.10 -12.94 2.41
C ARG B 358 -7.57 -11.51 2.37
N GLN B 359 -6.50 -11.26 3.11
CA GLN B 359 -5.88 -9.93 3.13
C GLN B 359 -5.31 -9.53 1.77
N GLN B 360 -5.04 -10.52 0.92
CA GLN B 360 -4.42 -10.26 -0.37
C GLN B 360 -5.42 -10.26 -1.52
N ALA B 361 -6.70 -10.37 -1.19
CA ALA B 361 -7.75 -10.53 -2.20
C ALA B 361 -8.02 -9.25 -3.00
N ASN B 362 -7.37 -8.15 -2.63
CA ASN B 362 -7.67 -6.87 -3.27
C ASN B 362 -6.48 -6.22 -3.95
N HIS B 363 -5.30 -6.82 -3.87
CA HIS B 363 -4.14 -6.28 -4.57
C HIS B 363 -4.19 -6.68 -6.05
N PRO B 364 -4.08 -5.68 -6.94
CA PRO B 364 -4.21 -5.83 -8.40
C PRO B 364 -3.36 -6.95 -9.01
N TYR B 365 -2.17 -7.16 -8.46
CA TYR B 365 -1.23 -8.12 -9.04
C TYR B 365 -1.70 -9.57 -8.91
N TRP B 366 -2.42 -9.87 -7.83
CA TRP B 366 -2.83 -11.25 -7.58
C TRP B 366 -4.25 -11.38 -7.02
N ALA B 367 -5.07 -10.34 -7.19
CA ALA B 367 -6.45 -10.37 -6.70
C ALA B 367 -7.25 -11.50 -7.32
N ASP B 368 -7.20 -11.61 -8.64
CA ASP B 368 -7.99 -12.60 -9.36
C ASP B 368 -7.53 -14.02 -9.03
N THR B 369 -6.22 -14.18 -8.83
CA THR B 369 -5.66 -15.47 -8.45
C THR B 369 -6.15 -15.88 -7.06
N VAL B 370 -6.15 -14.91 -6.15
CA VAL B 370 -6.57 -15.16 -4.77
C VAL B 370 -8.08 -15.40 -4.69
N LYS B 371 -8.86 -14.57 -5.39
CA LYS B 371 -10.31 -14.69 -5.42
C LYS B 371 -10.76 -16.07 -5.89
N ARG B 372 -10.15 -16.56 -6.97
CA ARG B 372 -10.46 -17.88 -7.50
C ARG B 372 -10.07 -18.98 -6.51
N LEU B 373 -8.93 -18.79 -5.86
CA LEU B 373 -8.41 -19.80 -4.95
C LEU B 373 -9.29 -19.94 -3.71
N LEU B 374 -9.91 -18.83 -3.30
CA LEU B 374 -10.85 -18.86 -2.18
C LEU B 374 -12.19 -19.45 -2.61
N ALA B 375 -12.49 -19.39 -3.90
CA ALA B 375 -13.75 -19.90 -4.43
C ALA B 375 -13.69 -21.40 -4.69
N GLU B 376 -12.64 -21.85 -5.38
CA GLU B 376 -12.44 -23.27 -5.64
C GLU B 376 -12.10 -23.98 -4.34
N GLY B 377 -11.50 -23.24 -3.42
CA GLY B 377 -11.03 -23.80 -2.17
C GLY B 377 -9.53 -23.97 -2.20
N ILE B 378 -8.87 -23.54 -1.13
CA ILE B 378 -7.43 -23.59 -1.06
C ILE B 378 -6.92 -25.03 -1.01
N ASN B 379 -5.75 -25.26 -1.61
CA ASN B 379 -5.11 -26.56 -1.53
C ASN B 379 -4.32 -26.64 -0.22
N ARG B 380 -4.19 -27.83 0.34
CA ARG B 380 -3.42 -27.99 1.57
C ARG B 380 -1.94 -27.81 1.27
N PRO B 381 -1.24 -26.97 2.05
CA PRO B 381 0.20 -26.80 1.84
C PRO B 381 0.97 -28.11 2.04
N ARG B 382 2.10 -28.24 1.35
CA ARG B 382 2.93 -29.43 1.48
C ARG B 382 3.42 -29.62 2.91
N LYS B 383 3.49 -30.87 3.33
CA LYS B 383 4.05 -31.19 4.65
C LYS B 383 5.53 -30.87 4.68
N GLY B 384 5.93 -30.05 5.63
CA GLY B 384 7.32 -29.66 5.79
C GLY B 384 7.89 -30.05 7.14
N HIS B 385 8.78 -29.22 7.66
CA HIS B 385 9.38 -29.44 8.96
C HIS B 385 8.80 -28.48 9.99
N ASP B 386 8.47 -29.00 11.17
CA ASP B 386 7.95 -28.17 12.25
C ASP B 386 9.00 -28.04 13.35
N ALA B 387 9.71 -26.91 13.35
CA ALA B 387 10.79 -26.69 14.31
C ALA B 387 10.26 -26.27 15.68
N GLY B 388 8.95 -26.06 15.76
CA GLY B 388 8.31 -25.69 17.02
C GLY B 388 8.74 -24.34 17.56
N ASP B 389 9.10 -23.43 16.67
CA ASP B 389 9.47 -22.07 17.06
C ASP B 389 8.42 -21.08 16.57
N HIS B 390 8.25 -21.01 15.26
CA HIS B 390 7.33 -20.06 14.65
C HIS B 390 6.70 -20.71 13.42
N PRO B 391 5.62 -20.12 12.89
CA PRO B 391 5.12 -20.58 11.60
C PRO B 391 6.10 -20.21 10.48
N PRO B 392 5.88 -20.74 9.27
CA PRO B 392 6.69 -20.29 8.14
C PRO B 392 6.51 -18.79 7.89
N ILE B 393 7.47 -18.17 7.23
CA ILE B 393 7.39 -16.73 6.97
C ILE B 393 6.19 -16.43 6.08
N THR B 394 5.17 -15.86 6.70
CA THR B 394 3.87 -15.67 6.06
C THR B 394 3.44 -14.21 6.07
N PRO B 395 2.84 -13.74 4.95
CA PRO B 395 2.25 -12.40 4.91
C PRO B 395 1.06 -12.26 5.84
N MET B 396 0.97 -11.14 6.55
CA MET B 396 -0.14 -10.88 7.46
C MET B 396 -0.95 -9.69 6.96
N LYS B 397 -0.55 -8.48 7.35
CA LYS B 397 -1.27 -7.28 6.94
C LYS B 397 -1.04 -7.05 5.46
N SER B 398 -2.07 -6.55 4.78
CA SER B 398 -1.97 -6.27 3.34
C SER B 398 -1.11 -5.04 3.10
N ALA B 399 -0.53 -4.95 1.91
CA ALA B 399 0.31 -3.82 1.57
C ALA B 399 0.35 -3.57 0.06
N THR B 400 0.65 -2.32 -0.29
CA THR B 400 0.87 -1.94 -1.68
C THR B 400 2.20 -1.21 -1.79
N GLU B 401 2.55 -0.84 -3.02
CA GLU B 401 3.80 -0.13 -3.26
C GLU B 401 3.72 1.30 -2.74
N ALA B 402 2.53 1.74 -2.39
CA ALA B 402 2.34 3.04 -1.78
C ALA B 402 2.90 3.05 -0.36
N GLU B 403 2.65 1.97 0.38
CA GLU B 403 3.18 1.85 1.73
C GLU B 403 4.63 1.35 1.73
N LEU B 404 4.91 0.38 0.86
CA LEU B 404 6.21 -0.29 0.85
C LEU B 404 7.07 0.15 -0.34
N GLY B 405 8.36 0.35 -0.10
CA GLY B 405 9.24 0.82 -1.15
C GLY B 405 10.44 -0.08 -1.39
N GLY B 406 11.18 0.21 -2.47
CA GLY B 406 12.35 -0.56 -2.91
C GLY B 406 12.35 -2.05 -2.62
N ASP B 407 13.39 -2.51 -1.94
CA ASP B 407 13.53 -3.92 -1.60
C ASP B 407 12.46 -4.37 -0.62
N ALA B 408 12.01 -3.46 0.25
CA ALA B 408 11.01 -3.81 1.24
C ALA B 408 9.74 -4.28 0.54
N TRP B 409 9.38 -3.63 -0.55
CA TRP B 409 8.26 -4.09 -1.36
C TRP B 409 8.62 -5.40 -2.06
N ARG B 410 9.79 -5.44 -2.68
CA ARG B 410 10.23 -6.62 -3.42
C ARG B 410 10.23 -7.88 -2.56
N LEU B 411 10.70 -7.74 -1.33
CA LEU B 411 10.74 -8.86 -0.40
C LEU B 411 9.33 -9.24 0.03
N TYR B 412 8.49 -8.24 0.28
CA TYR B 412 7.12 -8.49 0.67
C TYR B 412 6.32 -9.15 -0.46
N GLU B 413 6.56 -8.68 -1.68
CA GLU B 413 5.86 -9.24 -2.84
C GLU B 413 6.21 -10.72 -3.02
N TYR B 414 7.48 -11.07 -2.86
CA TYR B 414 7.89 -12.46 -2.99
C TYR B 414 7.29 -13.34 -1.90
N ILE B 415 7.40 -12.88 -0.66
CA ILE B 415 6.85 -13.61 0.49
C ILE B 415 5.36 -13.86 0.29
N THR B 416 4.67 -12.87 -0.25
CA THR B 416 3.24 -12.98 -0.50
C THR B 416 2.95 -13.96 -1.64
N ARG B 417 3.63 -13.77 -2.77
CA ARG B 417 3.48 -14.66 -3.91
C ARG B 417 3.83 -16.10 -3.56
N HIS B 418 4.89 -16.27 -2.77
CA HIS B 418 5.33 -17.59 -2.33
C HIS B 418 4.26 -18.27 -1.50
N PHE B 419 3.65 -17.51 -0.59
CA PHE B 419 2.60 -18.04 0.28
C PHE B 419 1.39 -18.52 -0.52
N ILE B 420 0.91 -17.65 -1.41
CA ILE B 420 -0.22 -17.98 -2.29
C ILE B 420 0.05 -19.25 -3.08
N ALA B 421 1.31 -19.45 -3.47
CA ALA B 421 1.71 -20.62 -4.22
C ALA B 421 1.66 -21.91 -3.39
N THR B 422 2.07 -21.82 -2.13
CA THR B 422 2.09 -23.00 -1.25
C THR B 422 0.70 -23.57 -1.05
N VAL B 423 -0.30 -22.71 -1.25
CA VAL B 423 -1.68 -23.06 -1.00
C VAL B 423 -2.41 -23.21 -2.35
N SER B 424 -1.67 -22.95 -3.41
CA SER B 424 -2.14 -23.17 -4.78
C SER B 424 -1.99 -24.63 -5.22
N HIS B 425 -2.24 -24.89 -6.50
CA HIS B 425 -2.08 -26.23 -7.06
C HIS B 425 -0.71 -26.42 -7.71
N ASP B 426 -0.26 -27.68 -7.79
CA ASP B 426 0.97 -28.00 -8.51
C ASP B 426 0.86 -27.70 -10.00
N CYS B 427 2.00 -27.48 -10.65
CA CYS B 427 2.04 -27.27 -12.09
C CYS B 427 2.17 -28.59 -12.86
N LYS B 428 1.25 -28.83 -13.78
CA LYS B 428 1.26 -30.03 -14.60
C LYS B 428 1.70 -29.69 -16.02
N TYR B 429 2.69 -30.42 -16.56
CA TYR B 429 3.17 -30.13 -17.91
C TYR B 429 3.57 -31.40 -18.67
N LEU B 430 3.64 -31.27 -20.00
CA LEU B 430 4.05 -32.37 -20.86
C LEU B 430 5.49 -32.24 -21.33
N GLN B 431 6.28 -33.28 -21.08
CA GLN B 431 7.67 -33.32 -21.56
C GLN B 431 7.76 -34.11 -22.84
N SER B 432 8.05 -33.43 -23.95
CA SER B 432 8.13 -34.08 -25.25
C SER B 432 9.56 -34.19 -25.74
N THR B 433 9.86 -35.28 -26.44
CA THR B 433 11.20 -35.50 -26.97
C THR B 433 11.12 -36.19 -28.33
N ILE B 434 12.04 -35.84 -29.24
CA ILE B 434 12.17 -36.52 -30.52
C ILE B 434 13.63 -36.88 -30.77
N SER B 435 13.88 -38.12 -31.19
CA SER B 435 15.24 -38.56 -31.49
C SER B 435 15.47 -38.61 -33.00
N PHE B 436 16.49 -37.88 -33.46
CA PHE B 436 16.80 -37.83 -34.88
C PHE B 436 18.14 -38.47 -35.22
N ARG B 437 18.18 -39.17 -36.35
CA ARG B 437 19.42 -39.68 -36.91
C ARG B 437 19.84 -38.88 -38.14
N ILE B 438 21.03 -38.31 -38.08
CA ILE B 438 21.63 -37.62 -39.21
C ILE B 438 22.97 -38.28 -39.51
N GLY B 439 23.05 -38.97 -40.64
CA GLY B 439 24.19 -39.82 -40.91
C GLY B 439 24.26 -40.89 -39.84
N PRO B 440 25.46 -41.10 -39.27
CA PRO B 440 25.63 -42.04 -38.16
C PRO B 440 25.23 -41.45 -36.81
N GLU B 441 25.12 -40.13 -36.74
CA GLU B 441 24.97 -39.43 -35.46
C GLU B 441 23.54 -39.29 -34.99
N LEU B 442 23.36 -39.38 -33.67
CA LEU B 442 22.06 -39.27 -33.04
C LEU B 442 21.85 -37.85 -32.49
N PHE B 443 20.65 -37.32 -32.65
CA PHE B 443 20.31 -36.01 -32.12
C PHE B 443 18.97 -36.05 -31.40
N THR B 444 18.80 -35.19 -30.41
CA THR B 444 17.53 -35.10 -29.71
C THR B 444 17.09 -33.66 -29.60
N CYS B 445 15.77 -33.45 -29.61
CA CYS B 445 15.20 -32.14 -29.34
C CYS B 445 14.10 -32.26 -28.29
N SER B 446 14.09 -31.34 -27.33
CA SER B 446 13.14 -31.40 -26.24
C SER B 446 12.25 -30.18 -26.20
N GLY B 447 11.07 -30.32 -25.62
CA GLY B 447 10.12 -29.22 -25.51
C GLY B 447 9.12 -29.47 -24.42
N LYS B 448 8.74 -28.42 -23.71
CA LYS B 448 7.75 -28.52 -22.65
C LYS B 448 6.48 -27.75 -22.99
N THR B 449 5.33 -28.37 -22.72
CA THR B 449 4.04 -27.73 -22.89
C THR B 449 3.23 -27.79 -21.61
N VAL B 450 2.81 -26.63 -21.12
CA VAL B 450 2.05 -26.54 -19.88
C VAL B 450 0.63 -27.08 -20.03
N LEU B 451 0.24 -27.96 -19.11
CA LEU B 451 -1.13 -28.45 -19.07
C LEU B 451 -1.96 -27.55 -18.15
N SER B 452 -1.49 -27.39 -16.92
CA SER B 452 -2.12 -26.47 -15.97
C SER B 452 -1.03 -25.69 -15.26
N PRO B 453 -1.10 -24.36 -15.31
CA PRO B 453 -0.07 -23.48 -14.74
C PRO B 453 0.09 -23.67 -13.24
N GLY B 454 -1.01 -23.90 -12.54
CA GLY B 454 -0.99 -24.05 -11.10
C GLY B 454 -0.39 -22.85 -10.38
N PHE B 455 0.51 -23.14 -9.45
CA PHE B 455 1.13 -22.11 -8.62
C PHE B 455 1.99 -21.14 -9.43
N THR B 456 2.41 -21.57 -10.62
CA THR B 456 3.27 -20.74 -11.47
C THR B 456 2.53 -19.51 -12.03
N GLU B 457 1.23 -19.43 -11.74
CA GLU B 457 0.48 -18.24 -12.08
C GLU B 457 0.89 -17.08 -11.17
N VAL B 458 1.00 -17.37 -9.87
CA VAL B 458 1.38 -16.37 -8.89
C VAL B 458 2.91 -16.29 -8.77
N MET B 459 3.60 -17.31 -9.25
CA MET B 459 5.06 -17.28 -9.33
C MET B 459 5.51 -17.52 -10.78
N PRO B 460 5.33 -16.51 -11.65
CA PRO B 460 5.62 -16.63 -13.08
C PRO B 460 7.08 -16.96 -13.40
N TRP B 461 7.99 -16.66 -12.49
CA TRP B 461 9.41 -16.94 -12.75
C TRP B 461 9.71 -18.44 -12.68
N GLN B 462 8.79 -19.20 -12.08
CA GLN B 462 8.95 -20.64 -12.02
C GLN B 462 8.10 -21.33 -13.07
N SER B 463 7.44 -20.52 -13.90
CA SER B 463 6.61 -21.05 -14.98
C SER B 463 7.46 -21.80 -16.00
N VAL B 464 6.81 -22.67 -16.77
CA VAL B 464 7.49 -23.36 -17.85
C VAL B 464 7.64 -22.39 -19.01
N PRO B 465 8.87 -22.24 -19.51
CA PRO B 465 9.19 -21.26 -20.57
C PRO B 465 8.35 -21.50 -21.83
N LEU B 466 7.83 -20.42 -22.40
CA LEU B 466 6.99 -20.54 -23.58
C LEU B 466 7.83 -20.83 -24.82
N GLU B 467 7.66 -22.03 -25.35
CA GLU B 467 8.30 -22.43 -26.59
C GLU B 467 7.26 -23.02 -27.52
N GLU B 468 7.51 -22.97 -28.83
CA GLU B 468 6.58 -23.57 -29.78
C GLU B 468 6.63 -25.09 -29.60
N SER B 469 5.45 -25.70 -29.62
CA SER B 469 5.33 -27.15 -29.42
C SER B 469 6.11 -27.96 -30.44
N LEU B 470 6.68 -29.07 -29.99
CA LEU B 470 7.42 -29.96 -30.87
C LEU B 470 6.46 -30.57 -31.87
N PRO B 471 6.91 -30.71 -33.14
CA PRO B 471 6.05 -31.28 -34.18
C PRO B 471 5.66 -32.72 -33.87
N THR B 472 4.40 -33.06 -34.16
CA THR B 472 3.96 -34.44 -33.99
C THR B 472 4.51 -35.28 -35.12
N CYS B 473 5.12 -36.40 -34.78
CA CYS B 473 5.71 -37.26 -35.79
C CYS B 473 5.81 -38.70 -35.32
N GLN B 474 6.14 -39.59 -36.25
CA GLN B 474 6.15 -41.02 -36.00
C GLN B 474 7.54 -41.57 -36.28
N ARG B 475 7.91 -42.65 -35.60
CA ARG B 475 9.17 -43.33 -35.88
C ARG B 475 9.24 -43.74 -37.34
N GLY B 476 10.29 -43.31 -38.03
CA GLY B 476 10.45 -43.61 -39.44
C GLY B 476 10.27 -42.38 -40.32
N ASP B 477 9.61 -41.35 -39.79
CA ASP B 477 9.44 -40.10 -40.51
C ASP B 477 10.77 -39.42 -40.78
N ALA B 478 10.80 -38.60 -41.82
CA ALA B 478 12.02 -37.90 -42.20
C ALA B 478 11.80 -36.40 -42.34
N PHE B 479 12.75 -35.63 -41.82
CA PHE B 479 12.68 -34.18 -41.88
C PHE B 479 13.85 -33.62 -42.69
N PRO B 480 13.60 -32.57 -43.47
CA PRO B 480 14.68 -31.89 -44.20
C PRO B 480 15.70 -31.27 -43.25
N VAL B 481 16.97 -31.59 -43.45
CA VAL B 481 18.04 -30.98 -42.67
C VAL B 481 18.29 -29.56 -43.14
N GLY B 482 18.03 -28.59 -42.27
CA GLY B 482 18.18 -27.19 -42.64
C GLY B 482 19.60 -26.68 -42.51
N GLU B 483 20.33 -27.18 -41.52
CA GLU B 483 21.67 -26.68 -41.23
C GLU B 483 22.43 -27.61 -40.29
N VAL B 484 23.71 -27.83 -40.58
CA VAL B 484 24.60 -28.55 -39.69
C VAL B 484 25.89 -27.77 -39.50
N LYS B 485 26.14 -27.32 -38.27
CA LYS B 485 27.33 -26.53 -37.97
C LYS B 485 28.17 -27.16 -36.87
N MET B 486 29.44 -26.76 -36.81
CA MET B 486 30.33 -27.22 -35.75
C MET B 486 30.93 -26.04 -34.98
N LEU B 487 30.61 -25.95 -33.70
CA LEU B 487 31.14 -24.90 -32.84
C LEU B 487 32.44 -25.34 -32.17
N GLU B 488 33.45 -24.48 -32.23
CA GLU B 488 34.66 -24.71 -31.46
C GLU B 488 34.58 -23.90 -30.17
N LYS B 489 34.63 -24.57 -29.05
CA LYS B 489 34.48 -23.90 -27.75
C LYS B 489 35.57 -24.29 -26.78
N GLN B 490 35.52 -23.70 -25.58
CA GLN B 490 36.49 -23.94 -24.54
C GLN B 490 35.74 -24.22 -23.24
N THR B 491 36.17 -25.24 -22.50
CA THR B 491 35.52 -25.55 -21.23
C THR B 491 35.74 -24.41 -20.24
N ASN B 492 34.73 -24.16 -19.42
CA ASN B 492 34.78 -23.05 -18.48
C ASN B 492 34.95 -23.52 -17.03
N PRO B 493 35.69 -22.74 -16.23
CA PRO B 493 35.84 -23.02 -14.80
C PRO B 493 34.53 -22.76 -14.07
N PRO B 494 34.37 -23.34 -12.88
CA PRO B 494 33.19 -23.00 -12.07
C PRO B 494 33.21 -21.53 -11.69
N ASP B 495 32.08 -20.98 -11.28
CA ASP B 495 32.07 -19.61 -10.79
C ASP B 495 32.24 -19.60 -9.28
N TYR B 496 32.56 -18.43 -8.74
CA TYR B 496 32.65 -18.27 -7.30
C TYR B 496 31.28 -18.51 -6.67
N LEU B 497 31.28 -18.93 -5.42
CA LEU B 497 30.02 -19.22 -4.72
C LEU B 497 29.10 -18.03 -4.70
N THR B 498 27.84 -18.25 -5.08
CA THR B 498 26.81 -17.25 -4.88
C THR B 498 26.48 -17.25 -3.39
N GLU B 499 25.83 -16.19 -2.92
CA GLU B 499 25.41 -16.13 -1.53
C GLU B 499 24.47 -17.28 -1.22
N ALA B 500 23.65 -17.65 -2.21
CA ALA B 500 22.72 -18.77 -2.06
C ALA B 500 23.45 -20.09 -1.85
N GLU B 501 24.51 -20.31 -2.61
CA GLU B 501 25.31 -21.53 -2.45
C GLU B 501 26.01 -21.59 -1.10
N LEU B 502 26.49 -20.44 -0.62
CA LEU B 502 27.13 -20.37 0.68
C LEU B 502 26.13 -20.62 1.81
N ILE B 503 24.94 -20.04 1.69
CA ILE B 503 23.88 -20.25 2.66
C ILE B 503 23.52 -21.73 2.75
N THR B 504 23.40 -22.37 1.59
CA THR B 504 23.06 -23.79 1.51
C THR B 504 24.13 -24.66 2.18
N LEU B 505 25.39 -24.31 1.95
CA LEU B 505 26.51 -25.03 2.56
C LEU B 505 26.50 -24.96 4.08
N MET B 506 26.24 -23.76 4.61
CA MET B 506 26.25 -23.54 6.05
C MET B 506 25.15 -24.31 6.76
N GLU B 507 23.95 -24.31 6.16
CA GLU B 507 22.82 -25.07 6.68
C GLU B 507 23.09 -26.57 6.62
N LYS B 508 23.61 -27.02 5.48
CA LYS B 508 23.92 -28.43 5.26
C LYS B 508 24.92 -28.96 6.29
N HIS B 509 25.95 -28.16 6.57
CA HIS B 509 27.00 -28.57 7.50
C HIS B 509 26.69 -28.17 8.93
N GLY B 510 25.53 -27.55 9.13
CA GLY B 510 25.03 -27.28 10.46
C GLY B 510 25.72 -26.16 11.21
N ILE B 511 26.18 -25.14 10.49
CA ILE B 511 26.76 -23.98 11.13
C ILE B 511 25.93 -22.73 10.81
N GLY B 512 26.00 -21.73 11.68
CA GLY B 512 25.20 -20.54 11.52
C GLY B 512 23.74 -20.77 11.86
N THR B 513 23.49 -21.67 12.81
CA THR B 513 22.13 -21.98 13.24
C THR B 513 21.51 -20.80 13.99
N ASP B 514 20.22 -20.91 14.31
CA ASP B 514 19.44 -19.82 14.88
C ASP B 514 19.51 -18.55 14.05
N ALA B 515 19.37 -18.71 12.74
CA ALA B 515 19.29 -17.59 11.79
C ALA B 515 20.49 -16.65 11.87
N SER B 516 21.63 -17.16 12.29
CA SER B 516 22.84 -16.36 12.40
C SER B 516 23.67 -16.37 11.11
N ILE B 517 23.22 -17.15 10.14
CA ILE B 517 23.89 -17.25 8.84
C ILE B 517 24.18 -15.89 8.15
N PRO B 518 23.19 -14.99 8.08
CA PRO B 518 23.50 -13.73 7.41
C PRO B 518 24.54 -12.88 8.15
N VAL B 519 24.60 -13.03 9.47
CA VAL B 519 25.57 -12.28 10.27
C VAL B 519 27.00 -12.69 9.92
N HIS B 520 27.25 -13.99 9.87
CA HIS B 520 28.58 -14.50 9.55
C HIS B 520 29.00 -14.17 8.12
N ILE B 521 28.06 -14.27 7.18
CA ILE B 521 28.35 -13.93 5.79
C ILE B 521 28.68 -12.45 5.66
N ASN B 522 27.91 -11.61 6.34
CA ASN B 522 28.17 -10.18 6.37
C ASN B 522 29.51 -9.86 7.02
N ASN B 523 29.90 -10.67 8.00
CA ASN B 523 31.14 -10.47 8.71
C ASN B 523 32.36 -10.60 7.80
N ILE B 524 32.41 -11.69 7.03
CA ILE B 524 33.55 -11.93 6.15
C ILE B 524 33.56 -10.96 4.97
N CYS B 525 32.41 -10.37 4.68
CA CYS B 525 32.33 -9.34 3.64
C CYS B 525 32.85 -8.01 4.16
N GLN B 526 32.43 -7.65 5.37
CA GLN B 526 32.88 -6.41 5.99
C GLN B 526 34.38 -6.43 6.26
N ARG B 527 34.91 -7.62 6.55
CA ARG B 527 36.34 -7.77 6.80
C ARG B 527 37.13 -7.90 5.50
N ASN B 528 36.40 -7.81 4.38
CA ASN B 528 37.00 -7.87 3.04
C ASN B 528 37.80 -9.14 2.80
N TYR B 529 37.26 -10.27 3.24
CA TYR B 529 37.85 -11.56 2.93
C TYR B 529 37.26 -12.06 1.63
N VAL B 530 36.06 -11.55 1.32
CA VAL B 530 35.43 -11.77 0.02
C VAL B 530 34.83 -10.46 -0.49
N THR B 531 34.68 -10.36 -1.80
CA THR B 531 33.98 -9.22 -2.40
C THR B 531 32.71 -9.70 -3.10
N VAL B 532 31.68 -8.88 -3.07
CA VAL B 532 30.43 -9.20 -3.75
C VAL B 532 30.51 -8.78 -5.22
N GLU B 533 30.56 -9.78 -6.10
CA GLU B 533 30.63 -9.52 -7.54
C GLU B 533 29.25 -9.69 -8.17
N SER B 534 29.16 -9.39 -9.47
CA SER B 534 27.91 -9.47 -10.20
C SER B 534 27.27 -10.85 -10.09
N GLY B 535 25.96 -10.88 -9.90
CA GLY B 535 25.26 -12.13 -9.68
C GLY B 535 25.35 -12.58 -8.24
N ARG B 536 25.64 -11.62 -7.36
CA ARG B 536 25.83 -11.88 -5.93
C ARG B 536 26.82 -13.02 -5.68
N ARG B 537 27.95 -12.98 -6.37
CA ARG B 537 29.00 -13.96 -6.15
C ARG B 537 30.00 -13.47 -5.12
N LEU B 538 30.51 -14.38 -4.30
CA LEU B 538 31.45 -14.02 -3.26
C LEU B 538 32.86 -14.44 -3.63
N LYS B 539 33.63 -13.48 -4.15
CA LYS B 539 34.98 -13.74 -4.62
C LYS B 539 36.02 -13.45 -3.53
N PRO B 540 36.73 -14.49 -3.08
CA PRO B 540 37.75 -14.35 -2.05
C PRO B 540 38.85 -13.37 -2.43
N THR B 541 39.17 -12.45 -1.53
CA THR B 541 40.28 -11.53 -1.74
C THR B 541 41.60 -12.24 -1.48
N ASN B 542 42.71 -11.56 -1.75
CA ASN B 542 44.03 -12.14 -1.54
C ASN B 542 44.26 -12.55 -0.09
N LEU B 543 43.89 -11.66 0.84
CA LEU B 543 44.05 -11.94 2.25
C LEU B 543 43.18 -13.11 2.70
N GLY B 544 41.94 -13.13 2.21
CA GLY B 544 41.01 -14.19 2.54
C GLY B 544 41.52 -15.56 2.10
N ILE B 545 42.09 -15.60 0.89
CA ILE B 545 42.67 -16.82 0.36
C ILE B 545 43.85 -17.32 1.18
N VAL B 546 44.80 -16.43 1.45
CA VAL B 546 45.98 -16.75 2.24
C VAL B 546 45.61 -17.29 3.63
N LEU B 547 44.65 -16.63 4.28
CA LEU B 547 44.24 -17.02 5.63
C LEU B 547 43.71 -18.46 5.70
N VAL B 548 42.78 -18.80 4.81
CA VAL B 548 42.21 -20.14 4.80
C VAL B 548 43.29 -21.17 4.47
N HIS B 549 44.12 -20.87 3.48
CA HIS B 549 45.24 -21.73 3.13
C HIS B 549 46.18 -21.90 4.31
N GLY B 550 46.43 -20.80 5.03
CA GLY B 550 47.27 -20.82 6.21
C GLY B 550 46.70 -21.68 7.32
N TYR B 551 45.42 -21.49 7.62
CA TYR B 551 44.74 -22.28 8.64
C TYR B 551 44.76 -23.77 8.31
N TYR B 552 44.60 -24.09 7.02
CA TYR B 552 44.60 -25.48 6.58
C TYR B 552 45.96 -26.14 6.77
N LYS B 553 47.02 -25.40 6.50
CA LYS B 553 48.37 -25.92 6.67
C LYS B 553 48.65 -26.22 8.14
N ILE B 554 48.13 -25.37 9.02
CA ILE B 554 48.33 -25.56 10.46
C ILE B 554 47.41 -26.62 11.03
N ASP B 555 46.10 -26.46 10.84
CA ASP B 555 45.10 -27.36 11.41
C ASP B 555 43.79 -27.28 10.63
N ALA B 556 43.48 -28.33 9.88
CA ALA B 556 42.30 -28.36 9.03
C ALA B 556 41.01 -28.19 9.82
N GLU B 557 41.01 -28.63 11.07
CA GLU B 557 39.83 -28.55 11.91
C GLU B 557 39.45 -27.11 12.25
N LEU B 558 40.36 -26.18 11.99
CA LEU B 558 40.09 -24.76 12.17
C LEU B 558 39.19 -24.22 11.06
N VAL B 559 39.21 -24.87 9.90
CA VAL B 559 38.45 -24.42 8.74
C VAL B 559 37.25 -25.30 8.46
N LEU B 560 37.42 -26.61 8.63
CA LEU B 560 36.31 -27.53 8.45
C LEU B 560 35.21 -27.21 9.46
N PRO B 561 33.94 -27.27 9.03
CA PRO B 561 32.79 -26.87 9.83
C PRO B 561 32.43 -27.86 10.93
N THR B 562 33.13 -29.00 10.96
CA THR B 562 32.81 -30.10 11.87
C THR B 562 32.70 -29.68 13.33
N ILE B 563 33.77 -29.07 13.85
CA ILE B 563 33.81 -28.65 15.25
C ILE B 563 32.72 -27.62 15.57
N ARG B 564 32.62 -26.58 14.74
CA ARG B 564 31.62 -25.55 14.93
C ARG B 564 30.21 -26.12 14.95
N SER B 565 29.95 -27.09 14.08
CA SER B 565 28.65 -27.73 14.00
C SER B 565 28.32 -28.45 15.31
N ALA B 566 29.32 -29.14 15.86
CA ALA B 566 29.16 -29.88 17.10
C ALA B 566 28.96 -28.92 18.29
N VAL B 567 29.72 -27.83 18.30
CA VAL B 567 29.59 -26.81 19.32
C VAL B 567 28.19 -26.20 19.34
N GLU B 568 27.68 -25.85 18.15
CA GLU B 568 26.35 -25.25 18.04
C GLU B 568 25.26 -26.23 18.48
N LYS B 569 25.47 -27.52 18.25
CA LYS B 569 24.53 -28.53 18.72
C LYS B 569 24.54 -28.59 20.24
N GLN B 570 25.72 -28.44 20.82
CA GLN B 570 25.86 -28.40 22.28
C GLN B 570 25.17 -27.16 22.85
N LEU B 571 25.34 -26.03 22.17
CA LEU B 571 24.72 -24.77 22.60
C LEU B 571 23.20 -24.88 22.58
N ASN B 572 22.66 -25.55 21.56
CA ASN B 572 21.23 -25.75 21.45
C ASN B 572 20.71 -26.68 22.54
N LEU B 573 21.54 -27.63 22.94
CA LEU B 573 21.18 -28.55 24.01
C LEU B 573 21.09 -27.80 25.34
N ILE B 574 21.98 -26.81 25.51
CA ILE B 574 21.91 -25.92 26.66
C ILE B 574 20.57 -25.19 26.70
N ALA B 575 20.16 -24.70 25.53
CA ALA B 575 18.89 -23.99 25.40
C ALA B 575 17.70 -24.86 25.80
N GLN B 576 17.84 -26.17 25.61
CA GLN B 576 16.77 -27.10 25.94
C GLN B 576 16.92 -27.64 27.38
N GLY B 577 18.02 -27.27 28.03
CA GLY B 577 18.29 -27.74 29.37
C GLY B 577 18.76 -29.18 29.37
N LYS B 578 19.26 -29.63 28.23
CA LYS B 578 19.68 -31.02 28.07
C LYS B 578 21.20 -31.13 28.09
N ALA B 579 21.87 -29.99 28.27
CA ALA B 579 23.31 -29.96 28.46
C ALA B 579 23.66 -28.92 29.52
N ASP B 580 24.81 -29.08 30.15
CA ASP B 580 25.19 -28.19 31.25
C ASP B 580 26.03 -27.01 30.75
N TYR B 581 25.59 -25.81 31.12
CA TYR B 581 26.23 -24.56 30.71
C TYR B 581 27.74 -24.53 30.97
N ARG B 582 28.14 -24.74 32.21
CA ARG B 582 29.54 -24.63 32.60
C ARG B 582 30.41 -25.72 31.97
N GLN B 583 29.87 -26.92 31.81
CA GLN B 583 30.65 -28.03 31.25
C GLN B 583 30.90 -27.84 29.76
N VAL B 584 29.89 -27.34 29.05
CA VAL B 584 30.04 -27.07 27.62
C VAL B 584 31.06 -25.97 27.39
N LEU B 585 30.98 -24.92 28.22
CA LEU B 585 31.96 -23.85 28.20
C LEU B 585 33.37 -24.39 28.43
N GLY B 586 33.52 -25.14 29.53
CA GLY B 586 34.81 -25.67 29.91
C GLY B 586 35.41 -26.59 28.86
N HIS B 587 34.61 -27.52 28.36
CA HIS B 587 35.08 -28.48 27.37
C HIS B 587 35.52 -27.83 26.07
N THR B 588 34.68 -26.94 25.54
CA THR B 588 34.98 -26.26 24.28
C THR B 588 36.24 -25.40 24.39
N LEU B 589 36.34 -24.63 25.48
CA LEU B 589 37.50 -23.77 25.69
C LEU B 589 38.78 -24.57 25.88
N ASP B 590 38.68 -25.74 26.50
CA ASP B 590 39.83 -26.62 26.66
C ASP B 590 40.33 -27.12 25.30
N VAL B 591 39.38 -27.55 24.46
CA VAL B 591 39.70 -28.03 23.12
C VAL B 591 40.46 -26.99 22.31
N PHE B 592 39.96 -25.76 22.32
CA PHE B 592 40.55 -24.68 21.53
C PHE B 592 41.81 -24.10 22.18
N LYS B 593 41.92 -24.26 23.49
CA LYS B 593 43.15 -23.88 24.18
C LYS B 593 44.27 -24.79 23.69
N ARG B 594 43.97 -26.08 23.58
CA ARG B 594 44.91 -27.06 23.06
C ARG B 594 45.27 -26.77 21.61
N LYS B 595 44.27 -26.43 20.80
CA LYS B 595 44.52 -26.09 19.41
C LYS B 595 45.32 -24.80 19.30
N PHE B 596 45.06 -23.88 20.21
CA PHE B 596 45.80 -22.61 20.23
C PHE B 596 47.28 -22.88 20.41
N HIS B 597 47.62 -23.75 21.37
CA HIS B 597 49.00 -24.09 21.66
C HIS B 597 49.67 -24.74 20.44
N TYR B 598 48.94 -25.61 19.76
CA TYR B 598 49.42 -26.21 18.53
C TYR B 598 49.54 -25.17 17.42
N PHE B 599 48.56 -24.27 17.38
CA PHE B 599 48.54 -23.17 16.41
C PHE B 599 49.80 -22.33 16.52
N VAL B 600 50.12 -21.93 17.75
CA VAL B 600 51.30 -21.11 18.03
C VAL B 600 52.59 -21.84 17.63
N ASP B 601 52.66 -23.13 17.94
CA ASP B 601 53.81 -23.95 17.55
C ASP B 601 53.95 -24.04 16.04
N SER B 602 52.81 -24.12 15.35
CA SER B 602 52.80 -24.34 13.91
C SER B 602 52.47 -23.08 13.12
N ILE B 603 52.82 -21.91 13.67
CA ILE B 603 52.49 -20.64 13.06
C ILE B 603 53.16 -20.48 11.68
N ALA B 604 54.23 -21.21 11.44
CA ALA B 604 54.93 -21.18 10.16
C ALA B 604 53.99 -21.48 8.99
N GLY B 605 53.01 -22.34 9.22
CA GLY B 605 52.00 -22.65 8.22
C GLY B 605 51.28 -21.42 7.71
N MET B 606 51.13 -20.43 8.59
CA MET B 606 50.51 -19.16 8.23
C MET B 606 51.55 -18.17 7.75
N ASP B 607 52.68 -18.13 8.45
CA ASP B 607 53.75 -17.17 8.20
C ASP B 607 54.37 -17.30 6.81
N GLU B 608 54.61 -18.53 6.37
CA GLU B 608 55.23 -18.78 5.08
C GLU B 608 54.41 -18.18 3.93
N LEU B 609 53.10 -18.38 3.99
CA LEU B 609 52.19 -17.87 2.97
C LEU B 609 52.10 -16.34 3.04
N MET B 610 52.22 -15.79 4.24
CA MET B 610 52.15 -14.34 4.42
C MET B 610 53.35 -13.65 3.78
N GLU B 611 54.52 -14.26 3.93
CA GLU B 611 55.74 -13.71 3.34
C GLU B 611 55.66 -13.65 1.81
N VAL B 612 55.28 -14.77 1.19
CA VAL B 612 55.18 -14.85 -0.26
C VAL B 612 54.20 -13.86 -0.86
N SER B 613 53.00 -13.80 -0.30
CA SER B 613 51.92 -12.97 -0.84
C SER B 613 52.09 -11.49 -0.54
N PHE B 614 52.70 -11.17 0.60
CA PHE B 614 52.77 -9.79 1.07
C PHE B 614 54.21 -9.30 1.23
N SER B 615 55.09 -9.80 0.37
CA SER B 615 56.49 -9.38 0.34
C SER B 615 57.21 -9.71 1.64
#